data_8VSB
#
_entry.id   8VSB
#
_cell.length_a   1.00
_cell.length_b   1.00
_cell.length_c   1.00
_cell.angle_alpha   90.00
_cell.angle_beta   90.00
_cell.angle_gamma   90.00
#
_symmetry.space_group_name_H-M   'P 1'
#
loop_
_entity.id
_entity.type
_entity.pdbx_description
1 polymer 'Transforming growth factor beta-3 proprotein'
2 polymer 'Transforming growth factor beta activator LRRC32'
#
loop_
_entity_poly.entity_id
_entity_poly.type
_entity_poly.pdbx_seq_one_letter_code
_entity_poly.pdbx_strand_id
1 'polypeptide(L)'
;LSTCTTLDFGHIKKKRVEAIRGQILSKLRLTSPPEPTVMTHVPYQVLALYNSTRELLEEMHGEREEGCTQENTESEYYAK
EIHKFDMIQGLAEHNELAVCPKGITSKVFRFNVSSVEKNRTNLFRAEFRVLRVPNPSSKRNEQRIELFQILRPDEHIAKQ
RYIGGKNLPTRGTAEWLSFDVTDTVREWLLRRESNLGLEISIHCPCHTFQPNGDILENIHEVMEIKFKGVDNEDDHGRGD
LGRLKKQKDHHNPHLILMMIPPHRLDNPGQGGQRKKRALDTNYCFRNLEENCCVRPLYIDFRQDLGWKWVHEPKGYYANF
CSGPCPYLRSADTTHSTVLGLYNTLNPEASASPCCVPQDLEPLTILYYVGRTPKVEQLSNMVVKSCKCS
;
A,B
2 'polypeptide(L)'
;HQDKVPCKMVDKKVSCQVLGLLQVPSVLPPDTETLDLSGNQLRSILASPLGFYTALRHLDLSTNEISFLQPGAFQALTHL
EHLSLAHNRLAMATALSAGGLGPLPRVTSLDLSGNSLYSGLLERLLGEAPSLHTLSLAENSLTRLTRHTFRDMPALEQLD
LHSNVLMDIEDGAFEGLPRLTHLNLSRNSLTCISDFSLQQLRVLDLSCNSIEAFQTASQPQAEFQLTWLDLRENKLLHFP
DLAALPRLIYLNLSNNLIRLPTGPPQDSKGIHAPSEGWSALPLSAPSGNASGRPLSQLLNLDLSYNEIELIPDSFLEHLT
SLCFLNLSRNCLRTFEARRLGSLPCLMLLDLSHNALETLELGARALGSLRTLLLQGNALRDLPPYTFANLASLQRLNLQG
NRVSPCGGPDEPGPSGCVAFSGITSLRSLSLVDNEIELLRAGAFLHTPLTELDLSSNPGLEVATGALGGLEASLEVLALQ
GNGLMVLQVDLPCFICLKRLNLAENRLSHLPAWTQAVSLEVLDLRNNSFSLLPGSAMGGLETSLRRLYLQGNPLSCCGNG
WLAAQLHQGRVDVDATQDLICRFSSQEEVSLSHVRPEDCEKGGLKNIN
;
I
#
# COMPACT_ATOMS: atom_id res chain seq x y z
N THR A 3 -12.83 -6.96 15.38
CA THR A 3 -12.97 -6.64 13.97
C THR A 3 -11.79 -7.20 13.18
N CYS A 4 -12.08 -7.81 12.03
CA CYS A 4 -11.04 -8.44 11.22
C CYS A 4 -10.46 -7.40 10.25
N THR A 5 -9.23 -6.99 10.51
CA THR A 5 -8.57 -5.92 9.77
C THR A 5 -7.13 -6.30 9.45
N THR A 6 -6.93 -7.51 8.97
CA THR A 6 -5.60 -8.03 8.67
C THR A 6 -5.06 -7.45 7.36
N LEU A 7 -4.24 -6.40 7.46
CA LEU A 7 -3.49 -5.87 6.34
C LEU A 7 -2.15 -5.37 6.85
N ASP A 8 -1.07 -5.80 6.20
CA ASP A 8 0.26 -5.55 6.73
C ASP A 8 0.67 -4.08 6.57
N PHE A 9 1.56 -3.65 7.45
CA PHE A 9 1.89 -2.26 7.72
C PHE A 9 3.12 -1.77 6.97
N GLY A 10 3.91 -2.66 6.39
CA GLY A 10 5.02 -2.23 5.57
C GLY A 10 4.60 -1.80 4.19
N HIS A 11 3.52 -2.37 3.67
CA HIS A 11 3.06 -1.98 2.35
C HIS A 11 2.44 -0.60 2.35
N ILE A 12 1.80 -0.21 3.45
CA ILE A 12 1.27 1.15 3.59
C ILE A 12 2.41 2.16 3.58
N LYS A 13 3.49 1.87 4.28
CA LYS A 13 4.66 2.74 4.25
C LYS A 13 5.26 2.82 2.86
N LYS A 14 5.37 1.70 2.17
CA LYS A 14 5.96 1.69 0.84
C LYS A 14 5.13 2.52 -0.13
N LYS A 15 3.80 2.40 -0.05
CA LYS A 15 2.92 3.16 -0.94
C LYS A 15 2.90 4.65 -0.58
N ARG A 16 2.98 5.01 0.69
CA ARG A 16 3.07 6.42 1.04
C ARG A 16 4.35 7.05 0.49
N VAL A 17 5.47 6.33 0.59
CA VAL A 17 6.72 6.88 0.07
C VAL A 17 6.66 7.02 -1.46
N GLU A 18 6.17 6.00 -2.14
CA GLU A 18 6.09 6.08 -3.59
C GLU A 18 5.10 7.15 -4.06
N ALA A 19 4.07 7.45 -3.29
CA ALA A 19 3.19 8.55 -3.67
C ALA A 19 3.87 9.90 -3.43
N ILE A 20 4.69 9.99 -2.38
CA ILE A 20 5.43 11.22 -2.11
C ILE A 20 6.35 11.56 -3.27
N ARG A 21 6.94 10.54 -3.89
CA ARG A 21 7.83 10.79 -5.04
C ARG A 21 7.11 11.53 -6.17
N GLY A 22 5.99 10.97 -6.62
CA GLY A 22 5.23 11.59 -7.70
C GLY A 22 4.64 12.93 -7.32
N GLN A 23 4.23 13.09 -6.06
CA GLN A 23 3.74 14.38 -5.58
C GLN A 23 4.80 15.46 -5.71
N ILE A 24 6.01 15.20 -5.24
CA ILE A 24 7.07 16.21 -5.31
C ILE A 24 7.44 16.49 -6.76
N LEU A 25 7.51 15.45 -7.59
CA LEU A 25 7.93 15.68 -8.98
C LEU A 25 6.88 16.49 -9.75
N SER A 26 5.59 16.28 -9.49
CA SER A 26 4.58 16.97 -10.26
C SER A 26 4.22 18.34 -9.69
N LYS A 27 4.50 18.63 -8.42
CA LYS A 27 4.26 19.98 -7.93
C LYS A 27 5.25 20.97 -8.54
N LEU A 28 6.47 20.51 -8.84
CA LEU A 28 7.48 21.34 -9.50
C LEU A 28 7.39 21.29 -11.02
N ARG A 29 6.64 20.35 -11.57
CA ARG A 29 6.46 20.16 -13.02
C ARG A 29 7.78 19.81 -13.70
N LEU A 30 8.37 18.70 -13.26
CA LEU A 30 9.65 18.22 -13.80
C LEU A 30 9.45 16.84 -14.39
N THR A 31 9.70 16.71 -15.70
CA THR A 31 9.65 15.41 -16.34
C THR A 31 10.77 14.50 -15.88
N SER A 32 11.95 15.05 -15.57
CA SER A 32 13.04 14.24 -15.06
C SER A 32 13.69 15.01 -13.92
N PRO A 33 14.22 14.32 -12.91
CA PRO A 33 14.90 15.00 -11.81
C PRO A 33 16.13 15.74 -12.30
N PRO A 34 16.38 16.95 -11.81
CA PRO A 34 17.48 17.75 -12.34
C PRO A 34 18.84 17.12 -12.14
N GLU A 35 19.89 17.76 -12.68
CA GLU A 35 21.23 17.20 -12.60
C GLU A 35 21.92 17.69 -11.35
N PRO A 36 22.37 16.80 -10.46
CA PRO A 36 23.09 17.24 -9.26
C PRO A 36 24.40 17.91 -9.63
N THR A 37 24.80 18.87 -8.82
CA THR A 37 26.10 19.53 -8.95
C THR A 37 26.78 19.55 -7.60
N VAL A 38 28.10 19.55 -7.59
CA VAL A 38 28.83 19.70 -6.33
C VAL A 38 29.09 21.17 -6.10
N MET A 39 28.08 21.88 -5.57
CA MET A 39 28.18 23.29 -5.21
C MET A 39 28.22 23.48 -3.71
N THR A 40 28.93 22.59 -3.01
CA THR A 40 28.96 22.52 -1.55
C THR A 40 29.09 23.89 -0.89
N HIS A 41 29.90 24.78 -1.45
CA HIS A 41 29.96 26.15 -0.94
C HIS A 41 28.76 26.94 -1.44
N VAL A 42 27.61 26.75 -0.79
CA VAL A 42 26.46 27.60 -1.10
C VAL A 42 26.69 28.98 -0.48
N PRO A 43 26.52 30.07 -1.22
CA PRO A 43 26.77 31.39 -0.64
C PRO A 43 25.89 31.63 0.58
N TYR A 44 26.44 32.37 1.54
CA TYR A 44 25.75 32.55 2.81
C TYR A 44 24.42 33.28 2.64
N GLN A 45 24.33 34.17 1.64
CA GLN A 45 23.11 34.94 1.48
C GLN A 45 21.92 34.04 1.16
N VAL A 46 22.15 33.01 0.34
CA VAL A 46 21.08 32.08 0.00
C VAL A 46 20.56 31.38 1.24
N LEU A 47 21.47 30.97 2.12
CA LEU A 47 21.07 30.31 3.35
C LEU A 47 20.21 31.22 4.22
N ALA A 48 20.44 32.54 4.15
CA ALA A 48 19.58 33.46 4.89
C ALA A 48 18.15 33.38 4.41
N LEU A 49 17.95 33.36 3.08
CA LEU A 49 16.61 33.19 2.54
C LEU A 49 16.01 31.86 2.93
N TYR A 50 16.79 30.79 2.87
CA TYR A 50 16.24 29.48 3.22
C TYR A 50 15.83 29.42 4.69
N ASN A 51 16.70 29.85 5.60
CA ASN A 51 16.41 29.84 7.02
C ASN A 51 15.36 30.87 7.43
N SER A 52 15.16 31.92 6.64
CA SER A 52 14.07 32.85 6.90
C SER A 52 12.74 32.36 6.39
N THR A 53 12.73 31.60 5.30
CA THR A 53 11.49 31.02 4.81
C THR A 53 11.05 29.86 5.69
N ARG A 54 12.00 29.04 6.12
CA ARG A 54 11.65 27.89 6.95
C ARG A 54 11.04 28.32 8.28
N GLU A 55 11.35 29.54 8.73
CA GLU A 55 10.90 29.99 10.04
C GLU A 55 9.40 30.13 10.11
N LEU A 56 8.78 30.74 9.09
CA LEU A 56 7.36 31.06 9.14
C LEU A 56 6.48 29.82 9.36
N GLU A 81 -32.55 25.53 18.68
CA GLU A 81 -33.55 26.37 18.04
C GLU A 81 -32.93 27.65 17.50
N ILE A 82 -33.71 28.37 16.72
CA ILE A 82 -33.34 29.67 16.20
C ILE A 82 -34.28 30.69 16.79
N HIS A 83 -33.77 31.88 17.10
CA HIS A 83 -34.59 32.93 17.69
C HIS A 83 -34.32 34.23 16.93
N LYS A 84 -35.26 35.15 17.03
CA LYS A 84 -35.16 36.41 16.31
C LYS A 84 -35.63 37.54 17.22
N PHE A 85 -35.14 38.74 16.93
CA PHE A 85 -35.48 39.92 17.71
C PHE A 85 -35.70 41.10 16.77
N ASP A 86 -36.09 42.23 17.35
CA ASP A 86 -36.26 43.47 16.60
C ASP A 86 -36.21 44.65 17.56
N THR A 121 -29.81 33.73 30.54
CA THR A 121 -30.65 32.85 31.35
C THR A 121 -32.13 33.18 31.20
N ASN A 122 -32.43 34.43 30.85
CA ASN A 122 -33.82 34.84 30.72
C ASN A 122 -34.51 34.11 29.57
N LEU A 123 -33.75 33.74 28.54
CA LEU A 123 -34.32 32.98 27.43
C LEU A 123 -34.69 31.56 27.83
N PHE A 124 -34.18 31.06 28.95
CA PHE A 124 -34.52 29.73 29.42
C PHE A 124 -34.69 29.71 30.93
N LEU A 177 -23.11 43.87 6.59
CA LEU A 177 -24.34 43.09 6.63
C LEU A 177 -24.33 42.13 7.82
N SER A 178 -23.18 42.01 8.48
CA SER A 178 -23.05 41.16 9.65
C SER A 178 -21.90 41.65 10.51
N PHE A 179 -22.06 41.53 11.83
CA PHE A 179 -21.04 41.91 12.79
C PHE A 179 -20.84 40.78 13.80
N ASP A 180 -19.85 40.96 14.68
CA ASP A 180 -19.57 39.98 15.73
C ASP A 180 -20.19 40.45 17.05
N VAL A 181 -21.51 40.38 17.08
CA VAL A 181 -22.29 40.93 18.20
C VAL A 181 -22.39 39.93 19.33
N THR A 182 -21.64 38.82 19.23
CA THR A 182 -21.79 37.73 20.19
C THR A 182 -21.51 38.17 21.62
N ASP A 183 -20.46 38.98 21.81
CA ASP A 183 -20.02 39.32 23.16
C ASP A 183 -21.11 40.09 23.92
N THR A 184 -21.62 41.17 23.33
CA THR A 184 -22.55 42.03 24.03
C THR A 184 -23.87 41.32 24.31
N VAL A 185 -24.39 40.57 23.34
CA VAL A 185 -25.66 39.88 23.54
C VAL A 185 -25.51 38.77 24.56
N ARG A 186 -24.38 38.05 24.56
CA ARG A 186 -24.18 37.03 25.59
C ARG A 186 -24.05 37.66 26.97
N GLU A 187 -23.43 38.83 27.06
CA GLU A 187 -23.35 39.53 28.33
C GLU A 187 -24.74 39.95 28.81
N TRP A 188 -25.57 40.49 27.91
CA TRP A 188 -26.92 40.87 28.28
C TRP A 188 -27.76 39.67 28.69
N LEU A 189 -27.56 38.52 28.03
CA LEU A 189 -28.32 37.32 28.37
C LEU A 189 -28.05 36.89 29.81
N LEU A 190 -26.78 36.95 30.23
CA LEU A 190 -26.41 36.52 31.57
C LEU A 190 -25.19 37.29 32.07
N HIS A 254 -33.19 43.40 14.89
CA HIS A 254 -32.92 42.88 13.55
C HIS A 254 -32.10 41.61 13.65
N LEU A 255 -31.43 41.43 14.78
CA LEU A 255 -30.49 40.33 14.94
C LEU A 255 -31.20 38.98 15.05
N ILE A 256 -30.47 37.93 14.67
CA ILE A 256 -30.93 36.56 14.77
C ILE A 256 -29.91 35.79 15.59
N LEU A 257 -30.39 34.89 16.44
CA LEU A 257 -29.53 34.12 17.32
C LEU A 257 -29.81 32.65 17.18
N MET A 258 -28.82 31.84 17.51
CA MET A 258 -28.96 30.41 17.61
C MET A 258 -28.54 30.00 19.02
N MET A 259 -29.30 29.10 19.62
CA MET A 259 -29.00 28.65 20.97
C MET A 259 -29.14 27.15 21.07
N ILE A 260 -28.11 26.51 21.60
CA ILE A 260 -28.17 25.07 21.85
C ILE A 260 -29.24 24.81 22.91
N PRO A 261 -30.16 23.89 22.68
CA PRO A 261 -31.23 23.66 23.64
C PRO A 261 -30.70 23.02 24.91
N PRO A 262 -31.44 23.09 26.02
CA PRO A 262 -30.88 22.70 27.32
C PRO A 262 -30.56 21.22 27.46
N HIS A 263 -30.77 20.41 26.42
CA HIS A 263 -30.49 18.98 26.47
C HIS A 263 -31.29 18.30 27.59
N ALA A 278 -8.79 15.97 19.45
CA ALA A 278 -8.99 15.35 18.15
C ALA A 278 -8.10 14.13 17.99
N LEU A 279 -7.91 13.71 16.74
CA LEU A 279 -6.93 12.68 16.43
C LEU A 279 -5.63 13.32 15.95
N ASP A 280 -5.06 14.18 16.79
CA ASP A 280 -3.84 14.88 16.42
C ASP A 280 -2.62 14.10 16.87
N THR A 281 -1.46 14.75 16.78
CA THR A 281 -0.20 14.07 17.07
C THR A 281 -0.08 13.72 18.54
N ASN A 282 -0.59 14.58 19.42
CA ASN A 282 -0.45 14.33 20.86
C ASN A 282 -1.15 13.05 21.27
N TYR A 283 -2.45 12.94 20.97
CA TYR A 283 -3.21 11.79 21.45
C TYR A 283 -2.71 10.50 20.83
N CYS A 284 -2.53 10.46 19.52
CA CYS A 284 -2.04 9.25 18.86
C CYS A 284 -0.62 8.88 19.26
N PHE A 285 0.28 9.86 19.35
CA PHE A 285 1.67 9.50 19.65
C PHE A 285 1.87 9.12 21.12
N ARG A 286 1.06 9.68 22.03
CA ARG A 286 1.20 9.40 23.45
C ARG A 286 0.27 8.32 23.96
N ASN A 287 -0.68 7.85 23.15
CA ASN A 287 -1.63 6.82 23.57
C ASN A 287 -1.78 5.79 22.46
N LEU A 288 -2.07 4.56 22.83
CA LEU A 288 -2.24 3.49 21.86
C LEU A 288 -3.67 3.50 21.33
N GLU A 289 -3.81 3.57 20.00
CA GLU A 289 -5.11 3.59 19.34
C GLU A 289 -5.02 2.72 18.09
N GLU A 290 -6.13 2.03 17.76
CA GLU A 290 -6.14 1.20 16.56
C GLU A 290 -7.25 1.53 15.59
N ASN A 291 -8.02 2.59 15.82
CA ASN A 291 -8.94 3.10 14.82
C ASN A 291 -8.19 4.09 13.93
N CYS A 292 -8.93 4.88 13.16
CA CYS A 292 -8.31 5.91 12.33
C CYS A 292 -7.49 6.85 13.22
N CYS A 293 -6.25 7.12 12.80
CA CYS A 293 -5.29 7.78 13.65
C CYS A 293 -4.03 8.07 12.84
N VAL A 294 -3.23 9.00 13.35
CA VAL A 294 -2.00 9.43 12.71
C VAL A 294 -0.90 8.42 13.02
N ARG A 295 0.00 8.18 12.06
CA ARG A 295 1.15 7.35 12.31
C ARG A 295 2.42 8.06 11.84
N PRO A 296 3.57 7.81 12.48
CA PRO A 296 4.78 8.57 12.17
C PRO A 296 5.59 7.95 11.03
N LEU A 297 6.29 8.84 10.31
CA LEU A 297 7.13 8.44 9.20
C LEU A 297 8.13 9.55 8.92
N TYR A 298 9.35 9.16 8.59
CA TYR A 298 10.44 10.08 8.29
C TYR A 298 10.96 9.79 6.90
N ILE A 299 11.17 10.84 6.10
CA ILE A 299 11.59 10.71 4.71
C ILE A 299 12.97 11.30 4.56
N ASP A 300 13.93 10.47 4.17
CA ASP A 300 15.29 10.92 3.86
C ASP A 300 15.45 10.89 2.35
N PHE A 301 15.88 12.00 1.77
CA PHE A 301 15.85 12.12 0.32
C PHE A 301 16.86 11.20 -0.35
N ARG A 302 17.98 10.91 0.32
CA ARG A 302 19.02 10.10 -0.29
C ARG A 302 18.88 8.61 0.01
N GLN A 303 18.24 8.25 1.12
CA GLN A 303 18.10 6.85 1.48
C GLN A 303 16.79 6.25 1.00
N ASP A 304 15.72 7.04 0.91
CA ASP A 304 14.41 6.56 0.51
C ASP A 304 14.16 6.76 -0.98
N LEU A 305 14.41 7.96 -1.47
CA LEU A 305 14.09 8.30 -2.85
C LEU A 305 15.27 8.16 -3.79
N GLY A 306 16.49 8.25 -3.29
CA GLY A 306 17.66 8.19 -4.14
C GLY A 306 18.02 9.48 -4.82
N TRP A 307 17.57 10.62 -4.29
CA TRP A 307 17.79 11.90 -4.95
C TRP A 307 19.00 12.60 -4.36
N LYS A 308 19.91 13.02 -5.23
CA LYS A 308 21.13 13.69 -4.82
C LYS A 308 21.18 15.14 -5.26
N TRP A 309 20.03 15.74 -5.55
CA TRP A 309 19.98 17.11 -6.06
C TRP A 309 19.30 18.07 -5.09
N VAL A 310 19.01 17.65 -3.87
CA VAL A 310 18.33 18.49 -2.89
C VAL A 310 19.34 18.92 -1.85
N HIS A 311 19.64 20.21 -1.80
CA HIS A 311 20.61 20.71 -0.83
C HIS A 311 20.05 20.66 0.58
N GLU A 312 18.99 21.43 0.83
CA GLU A 312 18.32 21.55 2.10
C GLU A 312 16.83 21.36 1.89
N PRO A 313 16.16 20.62 2.78
CA PRO A 313 16.69 19.94 3.96
C PRO A 313 17.27 18.57 3.62
N LYS A 314 17.72 17.86 4.64
CA LYS A 314 18.17 16.49 4.42
C LYS A 314 17.05 15.48 4.57
N GLY A 315 15.86 15.91 4.95
CA GLY A 315 14.73 15.02 5.14
C GLY A 315 13.68 15.70 5.98
N TYR A 316 12.54 15.03 6.12
CA TYR A 316 11.48 15.64 6.90
C TYR A 316 10.53 14.56 7.37
N TYR A 317 9.63 14.94 8.27
CA TYR A 317 8.66 14.02 8.85
C TYR A 317 7.34 14.11 8.09
N ALA A 318 7.05 13.10 7.28
CA ALA A 318 5.81 13.03 6.51
C ALA A 318 5.00 11.88 7.06
N ASN A 319 4.09 12.16 7.98
CA ASN A 319 3.34 11.13 8.68
C ASN A 319 2.33 10.48 7.73
N PHE A 320 1.46 9.63 8.26
CA PHE A 320 0.33 9.16 7.47
C PHE A 320 -0.83 8.75 8.37
N CYS A 321 -2.01 8.64 7.77
CA CYS A 321 -3.25 8.23 8.45
C CYS A 321 -3.56 6.78 8.11
N SER A 322 -4.11 6.04 9.07
CA SER A 322 -4.45 4.64 8.83
C SER A 322 -5.42 4.17 9.89
N GLY A 323 -6.01 3.00 9.66
CA GLY A 323 -6.93 2.39 10.60
C GLY A 323 -8.34 2.29 10.07
N PRO A 324 -9.13 1.35 10.61
CA PRO A 324 -10.54 1.27 10.25
C PRO A 324 -11.40 2.25 11.02
N CYS A 325 -12.62 2.46 10.50
CA CYS A 325 -13.59 3.37 11.09
C CYS A 325 -14.81 2.59 11.56
N PRO A 326 -15.35 2.92 12.74
CA PRO A 326 -16.52 2.18 13.26
C PRO A 326 -17.80 2.62 12.57
N TYR A 327 -18.50 1.66 11.97
CA TYR A 327 -19.65 2.00 11.15
C TYR A 327 -20.85 2.39 12.01
N LEU A 328 -21.64 3.31 11.48
CA LEU A 328 -22.81 3.84 12.17
C LEU A 328 -23.95 2.84 12.17
N LEU A 341 -16.50 11.69 16.00
CA LEU A 341 -17.39 10.76 15.31
C LEU A 341 -18.82 11.28 15.21
N TYR A 342 -19.75 10.48 15.74
CA TYR A 342 -21.15 10.54 15.35
C TYR A 342 -21.77 11.91 15.59
N ASN A 343 -21.22 12.69 16.52
CA ASN A 343 -21.68 14.06 16.71
C ASN A 343 -21.23 14.97 15.58
N THR A 344 -20.04 14.68 15.01
CA THR A 344 -19.43 15.43 13.92
C THR A 344 -19.43 14.70 12.59
N LEU A 345 -19.56 13.38 12.59
CA LEU A 345 -19.46 12.58 11.38
C LEU A 345 -20.51 13.02 10.37
N ASN A 346 -20.21 12.80 9.10
CA ASN A 346 -21.12 13.06 8.00
C ASN A 346 -20.95 11.93 7.00
N PRO A 347 -21.96 11.09 6.78
CA PRO A 347 -21.71 9.74 6.24
C PRO A 347 -21.54 9.66 4.74
N GLU A 348 -21.27 10.81 4.12
CA GLU A 348 -21.52 11.13 2.70
C GLU A 348 -20.64 10.40 1.73
N ALA A 349 -19.60 9.66 2.12
CA ALA A 349 -18.73 9.01 1.14
C ALA A 349 -19.49 7.89 0.43
N SER A 350 -18.75 7.13 -0.39
CA SER A 350 -19.32 6.07 -1.20
C SER A 350 -19.34 4.71 -0.49
N ALA A 351 -18.77 4.62 0.70
CA ALA A 351 -18.80 3.39 1.51
C ALA A 351 -18.70 3.82 2.97
N SER A 352 -18.31 2.89 3.83
CA SER A 352 -17.93 3.27 5.17
C SER A 352 -16.93 4.42 5.09
N PRO A 353 -16.98 5.38 6.03
CA PRO A 353 -16.11 6.54 5.91
C PRO A 353 -14.64 6.12 5.88
N CYS A 354 -13.85 6.90 5.15
CA CYS A 354 -12.42 6.63 5.02
C CYS A 354 -11.64 7.45 6.03
N CYS A 355 -10.41 7.02 6.28
CA CYS A 355 -9.50 7.68 7.22
C CYS A 355 -8.63 8.68 6.45
N VAL A 356 -9.02 9.94 6.45
CA VAL A 356 -8.39 10.96 5.60
C VAL A 356 -7.81 12.05 6.48
N PRO A 357 -6.78 12.77 6.05
CA PRO A 357 -6.20 13.80 6.91
C PRO A 357 -7.08 15.02 7.09
N GLN A 358 -6.88 15.71 8.20
CA GLN A 358 -7.51 17.00 8.45
C GLN A 358 -6.55 18.16 8.24
N ASP A 359 -5.49 18.22 9.02
CA ASP A 359 -4.53 19.31 8.98
C ASP A 359 -3.30 18.88 8.22
N LEU A 360 -2.72 19.81 7.47
CA LEU A 360 -1.56 19.55 6.64
C LEU A 360 -0.74 20.82 6.60
N GLU A 361 0.58 20.67 6.58
CA GLU A 361 1.49 21.80 6.60
C GLU A 361 2.49 21.72 5.46
N PRO A 362 3.07 22.86 5.07
CA PRO A 362 3.95 22.88 3.89
C PRO A 362 5.39 22.50 4.16
N LEU A 363 6.23 22.63 3.14
CA LEU A 363 7.64 22.26 3.22
C LEU A 363 8.45 23.20 2.34
N THR A 364 9.62 23.60 2.82
CA THR A 364 10.54 24.46 2.08
C THR A 364 11.77 23.67 1.67
N ILE A 365 12.14 23.76 0.39
CA ILE A 365 13.34 23.09 -0.12
C ILE A 365 14.21 24.11 -0.84
N LEU A 366 15.51 23.86 -0.83
CA LEU A 366 16.49 24.64 -1.58
C LEU A 366 17.20 23.67 -2.52
N TYR A 367 16.87 23.74 -3.80
CA TYR A 367 17.56 22.94 -4.78
C TYR A 367 18.21 23.87 -5.80
N TYR A 368 18.80 23.27 -6.81
CA TYR A 368 19.80 23.97 -7.60
C TYR A 368 19.64 23.61 -9.07
N VAL A 369 19.36 24.61 -9.89
CA VAL A 369 19.11 24.43 -11.32
C VAL A 369 20.24 25.13 -12.07
N GLY A 370 20.97 24.38 -12.87
CA GLY A 370 22.01 24.97 -13.68
C GLY A 370 23.08 25.60 -12.81
N ARG A 371 23.09 26.93 -12.77
CA ARG A 371 24.02 27.66 -11.91
C ARG A 371 23.32 28.55 -10.90
N THR A 372 22.01 28.46 -10.78
CA THR A 372 21.28 29.34 -9.87
C THR A 372 20.60 28.55 -8.76
N PRO A 373 20.40 29.17 -7.61
CA PRO A 373 19.64 28.54 -6.53
C PRO A 373 18.16 28.92 -6.55
N LYS A 374 17.34 27.98 -6.09
CA LYS A 374 15.90 28.14 -6.09
C LYS A 374 15.33 27.78 -4.73
N VAL A 375 14.56 28.69 -4.14
CA VAL A 375 13.93 28.47 -2.85
C VAL A 375 12.42 28.33 -3.08
N GLU A 376 11.91 27.13 -2.88
CA GLU A 376 10.53 26.78 -3.17
C GLU A 376 9.72 26.69 -1.88
N GLN A 377 8.43 26.44 -2.02
CA GLN A 377 7.57 26.07 -0.91
C GLN A 377 6.43 25.21 -1.43
N LEU A 378 6.30 24.00 -0.91
CA LEU A 378 5.36 23.01 -1.39
C LEU A 378 4.29 22.79 -0.34
N SER A 379 3.02 22.83 -0.74
CA SER A 379 1.91 22.82 0.20
C SER A 379 1.40 21.40 0.44
N ASN A 380 0.80 21.20 1.61
CA ASN A 380 0.11 19.96 1.98
C ASN A 380 1.06 18.76 1.98
N MET A 381 2.19 18.89 2.65
CA MET A 381 3.19 17.84 2.65
C MET A 381 3.24 17.02 3.91
N VAL A 382 2.93 17.60 5.07
CA VAL A 382 3.06 16.94 6.36
C VAL A 382 1.68 16.77 6.99
N VAL A 383 1.32 15.53 7.33
CA VAL A 383 0.05 15.22 7.98
C VAL A 383 0.14 15.56 9.46
N LYS A 384 -0.94 16.08 10.03
CA LYS A 384 -0.97 16.40 11.45
C LYS A 384 -2.21 15.90 12.20
N SER A 385 -3.30 15.55 11.51
CA SER A 385 -4.52 15.06 12.15
C SER A 385 -5.26 14.20 11.15
N CYS A 386 -6.23 13.42 11.62
CA CYS A 386 -7.04 12.62 10.71
C CYS A 386 -8.50 12.68 11.12
N LYS A 387 -9.36 12.08 10.29
CA LYS A 387 -10.79 12.01 10.56
C LYS A 387 -11.38 10.91 9.70
N CYS A 388 -12.55 10.40 10.14
CA CYS A 388 -13.28 9.38 9.39
C CYS A 388 -14.23 10.10 8.44
N SER A 389 -13.77 10.30 7.20
CA SER A 389 -14.40 11.17 6.22
C SER A 389 -14.52 12.62 6.68
N LEU B 1 -11.57 -8.94 -22.75
CA LEU B 1 -11.07 -8.35 -21.54
C LEU B 1 -11.36 -6.86 -21.52
N SER B 2 -12.62 -6.50 -21.47
CA SER B 2 -13.00 -5.10 -21.45
C SER B 2 -12.80 -4.53 -20.06
N THR B 3 -12.84 -3.21 -19.97
CA THR B 3 -12.88 -2.53 -18.68
C THR B 3 -14.34 -2.31 -18.34
N CYS B 4 -14.63 -1.46 -17.36
CA CYS B 4 -15.92 -1.44 -16.68
C CYS B 4 -16.55 -0.06 -16.89
N THR B 5 -17.76 -0.03 -17.44
CA THR B 5 -18.42 1.20 -17.83
C THR B 5 -19.62 1.58 -16.97
N THR B 6 -20.49 0.63 -16.63
CA THR B 6 -21.70 0.92 -15.87
C THR B 6 -21.66 0.16 -14.54
N LEU B 7 -22.10 0.82 -13.48
CA LEU B 7 -22.19 0.23 -12.16
C LEU B 7 -23.48 0.66 -11.48
N ASP B 8 -24.10 -0.26 -10.77
CA ASP B 8 -25.33 0.03 -10.04
C ASP B 8 -25.01 0.61 -8.68
N PHE B 9 -25.83 1.56 -8.24
CA PHE B 9 -25.60 2.27 -7.00
C PHE B 9 -26.86 2.39 -6.16
N GLY B 10 -27.71 1.37 -6.20
CA GLY B 10 -28.84 1.32 -5.26
C GLY B 10 -28.39 1.07 -3.83
N HIS B 11 -27.41 0.18 -3.65
CA HIS B 11 -26.95 -0.14 -2.30
C HIS B 11 -26.38 1.09 -1.61
N ILE B 12 -25.62 1.89 -2.33
CA ILE B 12 -25.05 3.10 -1.73
C ILE B 12 -26.16 4.07 -1.34
N LYS B 13 -27.20 4.18 -2.17
CA LYS B 13 -28.32 5.07 -1.84
C LYS B 13 -29.04 4.62 -0.58
N LYS B 14 -29.29 3.31 -0.46
CA LYS B 14 -30.03 2.84 0.71
C LYS B 14 -29.19 2.92 1.98
N LYS B 15 -27.89 2.64 1.88
CA LYS B 15 -27.02 2.82 3.05
C LYS B 15 -26.90 4.29 3.42
N ARG B 16 -26.91 5.18 2.43
CA ARG B 16 -26.87 6.60 2.74
C ARG B 16 -28.13 7.02 3.49
N VAL B 17 -29.29 6.52 3.07
CA VAL B 17 -30.54 6.82 3.77
C VAL B 17 -30.48 6.31 5.21
N GLU B 18 -30.04 5.07 5.37
CA GLU B 18 -29.96 4.47 6.70
C GLU B 18 -29.05 5.27 7.62
N ALA B 19 -27.94 5.78 7.08
CA ALA B 19 -27.05 6.61 7.88
C ALA B 19 -27.66 7.98 8.17
N ILE B 20 -28.44 8.52 7.24
CA ILE B 20 -29.10 9.80 7.49
C ILE B 20 -30.08 9.68 8.65
N ARG B 21 -30.73 8.53 8.76
CA ARG B 21 -31.61 8.27 9.91
C ARG B 21 -30.90 8.54 11.22
N GLY B 22 -29.84 7.77 11.49
CA GLY B 22 -29.13 7.92 12.75
C GLY B 22 -28.48 9.27 12.90
N GLN B 23 -27.99 9.85 11.80
CA GLN B 23 -27.38 11.16 11.87
C GLN B 23 -28.39 12.20 12.36
N ILE B 24 -29.60 12.18 11.81
CA ILE B 24 -30.58 13.19 12.21
C ILE B 24 -31.03 12.95 13.64
N LEU B 25 -31.16 11.68 14.04
CA LEU B 25 -31.51 11.41 15.43
C LEU B 25 -30.46 11.95 16.39
N SER B 26 -29.18 11.77 16.06
CA SER B 26 -28.11 12.24 16.94
C SER B 26 -28.02 13.76 16.95
N LYS B 27 -28.07 14.38 15.78
CA LYS B 27 -28.13 15.84 15.73
C LYS B 27 -29.28 16.36 16.58
N LEU B 28 -30.37 15.60 16.66
CA LEU B 28 -31.48 15.91 17.54
C LEU B 28 -31.44 15.13 18.85
N ARG B 29 -30.37 14.37 19.09
CA ARG B 29 -30.05 13.82 20.42
C ARG B 29 -31.25 13.14 21.08
N LEU B 30 -31.89 12.25 20.31
CA LEU B 30 -32.92 11.35 20.82
C LEU B 30 -32.50 9.92 20.52
N THR B 31 -32.93 8.99 21.35
CA THR B 31 -32.71 7.58 21.06
C THR B 31 -33.84 6.95 20.27
N SER B 32 -34.92 7.68 20.02
CA SER B 32 -36.05 7.22 19.24
C SER B 32 -36.91 8.43 18.85
N PRO B 33 -37.60 8.39 17.71
CA PRO B 33 -38.38 9.55 17.31
C PRO B 33 -39.57 9.74 18.22
N PRO B 34 -39.99 10.98 18.44
CA PRO B 34 -41.23 11.22 19.20
C PRO B 34 -42.45 10.91 18.35
N GLU B 35 -43.46 10.33 19.01
CA GLU B 35 -44.68 10.00 18.32
C GLU B 35 -45.42 11.27 17.90
N PRO B 36 -46.02 11.28 16.71
CA PRO B 36 -46.59 12.53 16.19
C PRO B 36 -47.71 13.05 17.06
N THR B 37 -47.81 14.37 17.13
CA THR B 37 -48.90 15.02 17.83
C THR B 37 -50.04 15.29 16.85
N VAL B 38 -51.09 15.93 17.35
CA VAL B 38 -52.24 16.26 16.52
C VAL B 38 -51.84 17.36 15.55
N MET B 39 -52.43 17.31 14.36
CA MET B 39 -52.26 18.37 13.36
C MET B 39 -52.58 19.73 13.96
N THR B 40 -51.59 20.62 13.98
CA THR B 40 -51.73 21.92 14.61
C THR B 40 -51.35 23.01 13.61
N HIS B 41 -51.84 24.21 13.85
CA HIS B 41 -51.56 25.32 12.95
C HIS B 41 -50.35 26.14 13.41
N VAL B 42 -49.62 26.67 12.44
CA VAL B 42 -48.44 27.49 12.71
C VAL B 42 -48.90 28.89 13.12
N PRO B 43 -48.32 29.47 14.16
CA PRO B 43 -48.64 30.85 14.53
C PRO B 43 -47.96 31.83 13.59
N TYR B 44 -48.29 33.11 13.78
CA TYR B 44 -47.80 34.14 12.85
C TYR B 44 -46.33 34.47 13.08
N GLN B 45 -45.83 34.33 14.31
CA GLN B 45 -44.45 34.69 14.58
C GLN B 45 -43.47 33.79 13.83
N VAL B 46 -43.77 32.50 13.77
CA VAL B 46 -42.96 31.58 12.99
C VAL B 46 -43.01 31.94 11.51
N LEU B 47 -44.19 32.39 11.05
CA LEU B 47 -44.31 32.83 9.66
C LEU B 47 -43.43 34.04 9.38
N ALA B 48 -43.40 35.00 10.31
CA ALA B 48 -42.53 36.16 10.14
C ALA B 48 -41.05 35.75 10.19
N LEU B 49 -40.73 34.75 11.01
CA LEU B 49 -39.37 34.22 11.02
C LEU B 49 -39.02 33.58 9.68
N TYR B 50 -39.97 32.85 9.10
CA TYR B 50 -39.76 32.28 7.76
C TYR B 50 -39.54 33.38 6.74
N ASN B 51 -40.33 34.46 6.81
CA ASN B 51 -40.21 35.56 5.85
C ASN B 51 -38.85 36.25 5.98
N SER B 52 -38.36 36.41 7.21
CA SER B 52 -37.09 37.06 7.50
C SER B 52 -37.03 38.47 6.91
N GLU B 74 -6.23 24.94 -8.26
CA GLU B 74 -5.14 24.48 -9.12
C GLU B 74 -3.86 25.29 -8.92
N SER B 75 -4.03 26.57 -8.55
CA SER B 75 -2.88 27.35 -8.15
C SER B 75 -2.55 27.19 -6.67
N GLU B 76 -3.30 26.35 -5.96
CA GLU B 76 -2.90 25.90 -4.63
C GLU B 76 -2.03 24.66 -4.68
N TYR B 77 -1.93 24.00 -5.82
CA TYR B 77 -1.18 22.76 -5.91
C TYR B 77 0.29 23.01 -6.27
N TYR B 78 0.57 24.01 -7.08
CA TYR B 78 1.90 24.16 -7.67
C TYR B 78 2.81 25.01 -6.81
N ALA B 79 4.10 24.66 -6.83
CA ALA B 79 5.11 25.25 -5.96
C ALA B 79 5.38 26.69 -6.35
N LYS B 80 5.93 27.46 -5.40
CA LYS B 80 6.14 28.90 -5.57
C LYS B 80 7.61 29.24 -5.38
N GLU B 81 8.12 30.12 -6.24
CA GLU B 81 9.39 30.79 -6.00
C GLU B 81 9.21 31.83 -4.91
N ILE B 82 10.30 32.16 -4.22
CA ILE B 82 10.22 33.11 -3.11
C ILE B 82 11.32 34.15 -3.25
N HIS B 83 10.93 35.42 -3.33
CA HIS B 83 11.83 36.53 -3.55
C HIS B 83 11.73 37.49 -2.36
N LYS B 84 12.86 37.91 -1.83
CA LYS B 84 12.89 38.76 -0.65
C LYS B 84 13.44 40.13 -1.02
N PHE B 85 12.65 41.17 -0.75
CA PHE B 85 13.01 42.53 -1.12
C PHE B 85 13.22 43.35 0.15
N ASP B 86 14.48 43.50 0.54
CA ASP B 86 14.80 44.09 1.82
C ASP B 86 14.58 45.61 1.80
N MET B 87 14.82 46.22 2.95
CA MET B 87 14.62 47.64 3.14
C MET B 87 15.79 48.43 2.55
N ILE B 88 15.48 49.60 2.01
CA ILE B 88 16.51 50.46 1.45
C ILE B 88 17.44 50.95 2.56
N LYS B 107 4.66 53.99 14.45
CA LYS B 107 3.89 54.99 13.73
C LYS B 107 4.69 55.56 12.56
N VAL B 108 5.76 54.86 12.20
CA VAL B 108 6.72 55.33 11.21
C VAL B 108 6.26 55.03 9.79
N PHE B 109 6.98 55.60 8.82
CA PHE B 109 6.75 55.39 7.40
C PHE B 109 7.68 54.31 6.86
N ARG B 110 7.13 53.39 6.07
CA ARG B 110 7.91 52.38 5.36
C ARG B 110 7.72 52.58 3.87
N PHE B 111 8.83 52.60 3.13
CA PHE B 111 8.79 52.67 1.67
C PHE B 111 10.05 52.08 1.07
N ASN B 122 11.83 51.47 -7.60
CA ASN B 122 12.39 50.69 -8.69
C ASN B 122 12.34 49.20 -8.38
N LEU B 123 11.21 48.75 -7.84
CA LEU B 123 11.04 47.35 -7.43
C LEU B 123 10.23 46.55 -8.43
N PHE B 124 10.18 46.98 -9.70
CA PHE B 124 9.40 46.29 -10.72
C PHE B 124 10.22 45.25 -11.47
N ARG B 125 11.22 44.68 -10.83
CA ARG B 125 12.05 43.66 -11.46
C ARG B 125 11.27 42.38 -11.71
N ALA B 126 10.55 41.87 -10.70
CA ALA B 126 10.02 40.52 -10.72
C ALA B 126 8.57 40.45 -11.16
N GLU B 127 7.72 41.34 -10.67
CA GLU B 127 6.31 41.42 -11.04
C GLU B 127 5.51 40.23 -10.50
N PHE B 128 5.79 39.83 -9.26
CA PHE B 128 5.11 38.73 -8.58
C PHE B 128 3.92 39.24 -7.75
N ARG B 129 3.46 38.41 -6.81
CA ARG B 129 2.10 38.52 -6.29
C ARG B 129 2.01 38.94 -4.82
N VAL B 130 2.55 38.12 -3.89
CA VAL B 130 2.02 38.03 -2.53
C VAL B 130 2.79 38.96 -1.58
N LEU B 131 2.16 39.31 -0.46
CA LEU B 131 2.64 40.35 0.45
C LEU B 131 3.52 39.83 1.58
N ARG B 132 3.75 40.73 2.54
CA ARG B 132 4.81 40.77 3.53
C ARG B 132 4.75 39.58 4.50
N VAL B 133 5.89 39.34 5.16
CA VAL B 133 6.04 38.57 6.40
C VAL B 133 7.35 38.96 7.08
N PRO B 134 7.36 40.04 7.85
CA PRO B 134 8.62 40.67 8.26
C PRO B 134 9.12 40.25 9.64
N ASN B 135 10.36 40.60 9.90
CA ASN B 135 10.91 40.57 11.26
C ASN B 135 10.44 41.79 12.03
N PRO B 136 10.21 41.67 13.35
CA PRO B 136 9.83 42.83 14.15
C PRO B 136 10.87 43.95 14.11
N GLN B 143 -0.39 50.93 21.88
CA GLN B 143 -1.35 49.92 21.51
C GLN B 143 -2.79 50.45 21.66
N ARG B 144 -3.68 50.07 20.75
CA ARG B 144 -3.38 49.14 19.66
C ARG B 144 -2.61 49.82 18.53
N ILE B 145 -1.93 49.01 17.73
CA ILE B 145 -1.12 49.50 16.62
C ILE B 145 -1.55 48.78 15.35
N GLU B 146 -1.70 49.55 14.27
CA GLU B 146 -2.10 48.98 12.99
C GLU B 146 -1.45 49.78 11.87
N LEU B 147 -1.67 49.33 10.64
CA LEU B 147 -0.96 49.83 9.48
C LEU B 147 -1.90 50.29 8.38
N PHE B 148 -1.46 51.31 7.64
CA PHE B 148 -2.18 51.86 6.51
C PHE B 148 -1.23 52.00 5.33
N GLN B 149 -1.79 52.44 4.21
CA GLN B 149 -0.99 52.88 3.08
C GLN B 149 -1.03 54.40 3.01
N ILE B 150 -0.38 54.98 2.01
CA ILE B 150 -0.47 56.41 1.78
C ILE B 150 -1.89 56.80 1.38
N GLN B 160 -4.50 55.51 2.39
CA GLN B 160 -4.85 55.34 3.80
C GLN B 160 -5.63 54.05 3.97
N ARG B 161 -5.49 53.15 2.99
CA ARG B 161 -6.29 51.94 2.95
C ARG B 161 -5.90 50.99 4.09
N TYR B 162 -6.89 50.47 4.79
CA TYR B 162 -6.63 49.59 5.92
C TYR B 162 -6.16 48.23 5.42
N ILE B 163 -5.05 47.76 6.00
CA ILE B 163 -4.48 46.48 5.63
C ILE B 163 -4.52 45.46 6.77
N GLY B 164 -4.49 45.91 8.02
CA GLY B 164 -4.50 45.00 9.16
C GLY B 164 -4.45 45.72 10.50
N TRP B 176 7.11 36.96 14.58
CA TRP B 176 7.10 37.77 13.38
C TRP B 176 5.69 38.19 12.99
N LEU B 177 5.59 39.27 12.20
CA LEU B 177 4.30 39.79 11.77
C LEU B 177 3.90 39.19 10.42
N SER B 178 2.73 39.58 9.93
CA SER B 178 2.22 39.08 8.67
C SER B 178 1.02 39.91 8.24
N PHE B 179 0.98 40.28 6.96
CA PHE B 179 -0.11 41.06 6.40
C PHE B 179 -0.43 40.56 5.00
N ASP B 180 -0.48 39.24 4.84
CA ASP B 180 -0.30 38.59 3.54
C ASP B 180 -1.61 38.51 2.75
N VAL B 181 -1.87 39.54 1.99
CA VAL B 181 -2.79 39.44 0.88
C VAL B 181 -2.00 39.51 -0.42
N THR B 182 -2.56 38.95 -1.48
CA THR B 182 -1.87 38.82 -2.75
C THR B 182 -1.99 40.08 -3.59
N ASP B 183 -2.19 41.23 -2.93
CA ASP B 183 -2.44 42.47 -3.64
C ASP B 183 -1.75 43.61 -2.92
N THR B 184 -2.02 44.83 -3.39
CA THR B 184 -1.49 46.12 -2.97
C THR B 184 -0.05 46.27 -3.45
N VAL B 185 0.60 45.21 -3.91
CA VAL B 185 1.78 45.34 -4.74
C VAL B 185 1.47 45.04 -6.20
N ARG B 186 0.31 44.45 -6.49
CA ARG B 186 -0.15 44.38 -7.87
C ARG B 186 -0.41 45.78 -8.40
N GLU B 187 -1.00 46.65 -7.58
CA GLU B 187 -1.20 48.04 -7.96
C GLU B 187 0.14 48.76 -8.11
N TRP B 188 1.09 48.50 -7.21
CA TRP B 188 2.41 49.10 -7.33
C TRP B 188 3.07 48.71 -8.64
N LEU B 189 2.95 47.44 -9.02
CA LEU B 189 3.44 47.01 -10.31
C LEU B 189 2.71 47.72 -11.44
N LEU B 190 1.41 47.95 -11.27
CA LEU B 190 0.61 48.50 -12.35
C LEU B 190 0.88 50.00 -12.54
N ARG B 191 1.11 50.73 -11.45
CA ARG B 191 1.31 52.16 -11.53
C ARG B 191 2.00 52.67 -10.27
N ARG B 192 3.04 53.47 -10.46
CA ARG B 192 3.81 53.99 -9.33
C ARG B 192 3.93 55.50 -9.43
N GLU B 193 4.17 56.11 -8.28
CA GLU B 193 4.30 57.55 -8.17
C GLU B 193 5.64 57.93 -7.55
N SER B 194 5.81 59.20 -7.19
CA SER B 194 7.06 59.63 -6.56
C SER B 194 7.29 58.91 -5.24
N ASN B 195 6.24 58.76 -4.42
CA ASN B 195 6.34 58.07 -3.14
C ASN B 195 5.23 57.03 -3.06
N LEU B 196 5.59 55.86 -2.56
CA LEU B 196 4.63 54.77 -2.37
C LEU B 196 5.18 53.88 -1.27
N GLY B 197 4.35 53.59 -0.28
CA GLY B 197 4.81 52.82 0.86
C GLY B 197 3.71 52.60 1.85
N LEU B 198 4.07 52.05 3.00
CA LEU B 198 3.11 51.66 4.02
C LEU B 198 3.20 52.57 5.24
N GLU B 199 2.10 52.67 5.97
CA GLU B 199 1.98 53.51 7.15
C GLU B 199 1.84 52.65 8.40
N ILE B 200 2.22 53.20 9.55
CA ILE B 200 1.91 52.63 10.85
C ILE B 200 1.25 53.70 11.70
N SER B 201 0.25 53.31 12.49
CA SER B 201 -0.50 54.27 13.29
C SER B 201 -1.18 53.56 14.45
N ILE B 202 -1.61 54.36 15.42
CA ILE B 202 -2.37 53.87 16.56
C ILE B 202 -3.81 53.55 16.14
N ASN B 252 14.46 44.05 10.76
CA ASN B 252 14.82 43.94 9.36
C ASN B 252 13.57 43.79 8.49
N PRO B 253 12.83 44.88 8.31
CA PRO B 253 11.60 44.82 7.52
C PRO B 253 11.90 44.52 6.06
N HIS B 254 10.99 43.79 5.43
CA HIS B 254 11.18 43.38 4.04
C HIS B 254 9.83 42.95 3.47
N LEU B 255 9.87 42.37 2.29
CA LEU B 255 8.73 41.75 1.63
C LEU B 255 9.10 40.35 1.17
N ILE B 256 8.08 39.55 0.91
CA ILE B 256 8.25 38.21 0.37
C ILE B 256 7.24 38.06 -0.75
N LEU B 257 7.70 37.71 -1.95
CA LEU B 257 6.81 37.51 -3.08
C LEU B 257 6.81 36.04 -3.45
N MET B 258 5.77 35.62 -4.16
CA MET B 258 5.56 34.22 -4.48
C MET B 258 4.76 34.15 -5.76
N MET B 259 5.29 33.51 -6.78
CA MET B 259 4.46 33.29 -7.95
C MET B 259 4.97 32.08 -8.72
N ILE B 260 4.06 31.48 -9.47
CA ILE B 260 4.29 30.25 -10.20
C ILE B 260 4.82 30.58 -11.58
N PRO B 261 5.98 30.06 -11.96
CA PRO B 261 6.48 30.28 -13.31
C PRO B 261 5.52 29.77 -14.36
N PRO B 262 5.52 30.38 -15.55
CA PRO B 262 4.42 30.15 -16.50
C PRO B 262 4.27 28.71 -16.93
N HIS B 263 5.35 27.92 -16.97
CA HIS B 263 5.25 26.58 -17.52
C HIS B 263 4.48 25.63 -16.61
N ARG B 264 4.15 26.04 -15.39
CA ARG B 264 3.45 25.17 -14.44
C ARG B 264 1.94 25.36 -14.48
N THR B 281 -26.76 16.66 -9.53
CA THR B 281 -25.85 16.68 -10.66
C THR B 281 -25.19 18.07 -10.71
N ASN B 282 -24.65 18.49 -9.57
CA ASN B 282 -24.01 19.80 -9.53
C ASN B 282 -22.53 19.75 -9.88
N TYR B 283 -21.84 18.64 -9.60
CA TYR B 283 -20.40 18.58 -9.86
C TYR B 283 -20.01 17.29 -10.57
N CYS B 284 -20.72 16.96 -11.65
CA CYS B 284 -20.14 16.15 -12.72
C CYS B 284 -20.98 16.29 -13.98
N PHE B 285 -20.31 16.12 -15.11
CA PHE B 285 -20.75 16.66 -16.39
C PHE B 285 -20.87 15.62 -17.49
N ARG B 286 -20.70 14.33 -17.17
CA ARG B 286 -20.92 13.24 -18.10
C ARG B 286 -21.88 12.24 -17.49
N ASN B 287 -22.84 11.79 -18.29
CA ASN B 287 -23.86 10.88 -17.79
C ASN B 287 -23.22 9.56 -17.36
N LEU B 288 -23.42 9.22 -16.08
CA LEU B 288 -22.78 8.07 -15.45
C LEU B 288 -21.26 8.10 -15.64
N GLU B 289 -20.68 9.27 -15.37
CA GLU B 289 -19.23 9.42 -15.37
C GLU B 289 -18.61 8.46 -14.37
N GLU B 290 -17.50 7.83 -14.77
CA GLU B 290 -16.88 6.84 -13.90
C GLU B 290 -15.91 7.45 -12.88
N ASN B 291 -15.78 8.77 -12.84
CA ASN B 291 -14.88 9.43 -11.91
C ASN B 291 -15.48 9.50 -10.51
N CYS B 292 -14.84 10.28 -9.64
CA CYS B 292 -15.42 10.70 -8.37
C CYS B 292 -16.28 11.92 -8.64
N CYS B 293 -17.60 11.76 -8.55
CA CYS B 293 -18.50 12.91 -8.65
C CYS B 293 -19.74 12.65 -7.81
N VAL B 294 -20.53 13.71 -7.67
CA VAL B 294 -21.73 13.70 -6.85
C VAL B 294 -22.90 13.14 -7.65
N ARG B 295 -23.67 12.28 -7.02
CA ARG B 295 -24.84 11.63 -7.59
C ARG B 295 -26.11 12.19 -6.96
N PRO B 296 -27.25 12.14 -7.66
CA PRO B 296 -28.48 12.72 -7.12
C PRO B 296 -29.29 11.71 -6.32
N LEU B 297 -30.08 12.24 -5.39
CA LEU B 297 -30.94 11.42 -4.53
C LEU B 297 -31.90 12.33 -3.78
N TYR B 298 -33.13 11.86 -3.60
CA TYR B 298 -34.19 12.62 -2.95
C TYR B 298 -34.60 11.93 -1.66
N ILE B 299 -34.63 12.69 -0.56
CA ILE B 299 -35.01 12.17 0.76
C ILE B 299 -36.34 12.78 1.16
N ASP B 300 -37.34 11.93 1.37
CA ASP B 300 -38.65 12.32 1.87
C ASP B 300 -39.04 11.46 3.07
N PHE B 301 -39.55 12.12 4.11
CA PHE B 301 -39.58 11.52 5.43
C PHE B 301 -40.67 10.47 5.58
N ARG B 302 -41.89 10.79 5.13
CA ARG B 302 -43.03 9.91 5.38
C ARG B 302 -42.90 8.58 4.64
N GLN B 303 -42.21 8.56 3.50
CA GLN B 303 -42.04 7.35 2.73
C GLN B 303 -40.82 6.53 3.16
N ASP B 304 -39.62 7.12 3.08
CA ASP B 304 -38.40 6.37 3.39
C ASP B 304 -38.25 6.10 4.89
N LEU B 305 -38.48 7.12 5.72
CA LEU B 305 -38.16 7.03 7.13
C LEU B 305 -39.37 6.85 8.03
N GLY B 306 -40.59 6.95 7.50
CA GLY B 306 -41.77 6.77 8.33
C GLY B 306 -41.86 7.73 9.49
N TRP B 307 -41.56 9.01 9.25
CA TRP B 307 -41.55 10.02 10.29
C TRP B 307 -42.79 10.89 10.13
N LYS B 308 -43.84 10.56 10.88
CA LYS B 308 -45.05 11.36 10.84
C LYS B 308 -44.91 12.67 11.59
N TRP B 309 -43.89 12.80 12.44
CA TRP B 309 -43.75 13.97 13.31
C TRP B 309 -42.99 15.11 12.65
N VAL B 310 -42.62 14.99 11.38
CA VAL B 310 -41.95 16.06 10.66
C VAL B 310 -42.98 16.77 9.80
N HIS B 311 -43.06 18.09 9.95
CA HIS B 311 -44.08 18.88 9.27
C HIS B 311 -43.53 19.75 8.15
N GLU B 312 -42.28 20.20 8.26
CA GLU B 312 -41.70 21.07 7.27
C GLU B 312 -40.21 20.77 7.18
N PRO B 313 -39.67 20.52 5.99
CA PRO B 313 -40.42 20.39 4.73
C PRO B 313 -40.83 18.95 4.47
N LYS B 314 -41.47 18.70 3.34
CA LYS B 314 -41.89 17.35 2.99
C LYS B 314 -40.70 16.45 2.74
N GLY B 315 -39.66 16.99 2.11
CA GLY B 315 -38.45 16.22 1.83
C GLY B 315 -37.36 17.15 1.35
N TYR B 316 -36.22 16.56 1.02
CA TYR B 316 -35.09 17.35 0.52
C TYR B 316 -34.15 16.43 -0.22
N TYR B 317 -33.23 17.03 -0.98
CA TYR B 317 -32.25 16.28 -1.74
C TYR B 317 -30.99 16.07 -0.91
N ALA B 318 -30.64 14.82 -0.68
CA ALA B 318 -29.44 14.46 0.06
C ALA B 318 -28.55 13.70 -0.91
N ASN B 319 -27.78 14.44 -1.68
CA ASN B 319 -26.93 13.87 -2.70
C ASN B 319 -25.82 13.07 -2.03
N PHE B 320 -25.19 12.17 -2.79
CA PHE B 320 -24.03 11.47 -2.25
C PHE B 320 -22.85 11.56 -3.20
N CYS B 321 -21.71 11.06 -2.74
CA CYS B 321 -20.48 11.01 -3.51
C CYS B 321 -20.17 9.56 -3.85
N SER B 322 -19.81 9.31 -5.11
CA SER B 322 -19.40 7.97 -5.49
C SER B 322 -18.46 8.03 -6.69
N GLY B 323 -17.80 6.90 -6.93
CA GLY B 323 -16.79 6.80 -7.97
C GLY B 323 -15.42 6.54 -7.39
N PRO B 324 -14.63 5.71 -8.06
CA PRO B 324 -13.30 5.36 -7.54
C PRO B 324 -12.23 6.37 -7.93
N CYS B 325 -11.20 6.42 -7.09
CA CYS B 325 -10.00 7.21 -7.32
C CYS B 325 -8.80 6.28 -7.49
N PRO B 326 -8.31 6.07 -8.70
CA PRO B 326 -7.23 5.11 -8.90
C PRO B 326 -5.91 5.58 -8.30
N TYR B 327 -5.08 4.62 -7.93
CA TYR B 327 -3.77 4.91 -7.35
C TYR B 327 -2.73 4.91 -8.47
N LEU B 328 -2.07 6.05 -8.65
CA LEU B 328 -1.10 6.23 -9.73
C LEU B 328 0.31 5.93 -9.22
N ARG B 329 1.02 5.09 -9.96
CA ARG B 329 2.34 4.64 -9.56
C ARG B 329 3.41 5.52 -10.19
N SER B 330 4.35 5.97 -9.37
CA SER B 330 5.28 7.02 -9.74
C SER B 330 6.53 6.46 -10.41
N ALA B 331 7.23 7.36 -11.09
CA ALA B 331 8.49 7.07 -11.74
C ALA B 331 9.27 8.36 -11.83
N ASP B 332 10.57 8.25 -12.08
CA ASP B 332 11.39 9.45 -12.17
C ASP B 332 11.19 10.19 -13.48
N THR B 333 10.90 9.46 -14.57
CA THR B 333 10.64 10.07 -15.86
C THR B 333 9.23 9.69 -16.29
N THR B 334 8.39 10.68 -16.55
CA THR B 334 7.03 10.42 -17.00
C THR B 334 6.57 11.60 -17.85
N HIS B 335 5.73 11.30 -18.83
CA HIS B 335 5.36 12.32 -19.81
C HIS B 335 4.61 13.46 -19.14
N SER B 336 4.75 14.65 -19.73
CA SER B 336 4.23 15.87 -19.14
C SER B 336 2.72 15.97 -19.17
N THR B 337 2.04 15.13 -19.94
CA THR B 337 0.59 15.09 -19.91
C THR B 337 0.05 14.15 -18.84
N VAL B 338 0.92 13.35 -18.24
CA VAL B 338 0.52 12.54 -17.09
C VAL B 338 0.80 13.28 -15.78
N LEU B 339 1.63 14.32 -15.80
CA LEU B 339 1.88 15.09 -14.59
C LEU B 339 0.68 15.90 -14.18
N GLY B 340 -0.37 15.96 -15.00
CA GLY B 340 -1.59 16.65 -14.63
C GLY B 340 -2.65 15.78 -14.01
N LEU B 341 -2.41 14.48 -13.89
CA LEU B 341 -3.39 13.58 -13.31
C LEU B 341 -3.26 13.50 -11.79
N TYR B 342 -2.08 13.79 -11.25
CA TYR B 342 -1.92 13.77 -9.80
C TYR B 342 -2.77 14.83 -9.12
N ASN B 343 -2.90 15.99 -9.74
CA ASN B 343 -3.63 17.09 -9.13
C ASN B 343 -5.08 16.74 -8.85
N THR B 344 -5.64 15.76 -9.53
CA THR B 344 -7.05 15.45 -9.39
C THR B 344 -7.34 14.02 -8.95
N LEU B 345 -6.44 13.07 -9.15
CA LEU B 345 -6.70 11.70 -8.74
C LEU B 345 -6.07 11.34 -7.41
N ASN B 346 -5.08 12.09 -6.96
CA ASN B 346 -4.44 11.81 -5.69
C ASN B 346 -3.65 13.00 -5.19
N PRO B 347 -4.30 14.13 -4.90
CA PRO B 347 -3.55 15.33 -4.53
C PRO B 347 -2.80 15.25 -3.22
N GLU B 348 -3.13 14.30 -2.35
CA GLU B 348 -2.62 14.24 -0.99
C GLU B 348 -1.53 13.21 -0.79
N ALA B 349 -1.18 12.46 -1.83
CA ALA B 349 -0.14 11.43 -1.76
C ALA B 349 -0.49 10.34 -0.76
N SER B 350 -1.76 10.01 -0.61
CA SER B 350 -2.17 8.95 0.30
C SER B 350 -1.85 7.59 -0.31
N ALA B 351 -1.87 6.57 0.54
CA ALA B 351 -1.69 5.21 0.07
C ALA B 351 -2.97 4.59 -0.48
N SER B 352 -4.13 5.09 -0.05
CA SER B 352 -5.41 4.66 -0.63
C SER B 352 -6.31 5.87 -0.70
N PRO B 353 -6.52 6.42 -1.90
CA PRO B 353 -7.40 7.57 -2.04
C PRO B 353 -8.87 7.20 -1.90
N CYS B 354 -9.65 8.16 -1.43
CA CYS B 354 -11.08 7.96 -1.19
C CYS B 354 -11.88 9.13 -1.71
N CYS B 355 -13.11 8.84 -2.14
CA CYS B 355 -14.02 9.81 -2.73
C CYS B 355 -14.89 10.38 -1.61
N VAL B 356 -14.61 11.61 -1.18
CA VAL B 356 -15.24 12.17 0.02
C VAL B 356 -15.82 13.53 -0.33
N PRO B 357 -16.88 13.95 0.36
CA PRO B 357 -17.49 15.24 0.06
C PRO B 357 -16.58 16.42 0.33
N GLN B 358 -16.83 17.51 -0.39
CA GLN B 358 -16.06 18.74 -0.25
C GLN B 358 -16.91 19.90 0.22
N ASP B 359 -18.13 20.04 -0.29
CA ASP B 359 -19.03 21.10 0.11
C ASP B 359 -20.32 20.50 0.64
N LEU B 360 -20.82 21.06 1.74
CA LEU B 360 -22.01 20.57 2.41
C LEU B 360 -22.86 21.73 2.86
N GLU B 361 -24.17 21.49 2.98
CA GLU B 361 -25.12 22.54 3.29
C GLU B 361 -26.08 22.10 4.39
N PRO B 362 -26.66 23.06 5.11
CA PRO B 362 -27.57 22.75 6.21
C PRO B 362 -29.03 22.68 5.79
N LEU B 363 -29.84 22.09 6.66
CA LEU B 363 -31.26 21.89 6.43
C LEU B 363 -32.04 22.38 7.64
N THR B 364 -33.09 23.16 7.40
CA THR B 364 -33.96 23.63 8.47
C THR B 364 -35.24 22.82 8.48
N ILE B 365 -35.67 22.37 9.65
CA ILE B 365 -36.90 21.60 9.77
C ILE B 365 -37.78 22.20 10.86
N LEU B 366 -39.04 21.79 10.86
CA LEU B 366 -40.04 22.24 11.83
C LEU B 366 -40.78 21.04 12.40
N TYR B 367 -40.98 21.03 13.71
CA TYR B 367 -41.68 19.93 14.36
C TYR B 367 -42.30 20.43 15.65
N TYR B 368 -43.38 19.77 16.06
CA TYR B 368 -44.17 20.16 17.20
C TYR B 368 -43.96 19.18 18.36
N VAL B 369 -43.89 19.73 19.57
CA VAL B 369 -43.92 18.93 20.79
C VAL B 369 -45.00 19.54 21.67
N GLY B 370 -46.05 18.77 21.95
CA GLY B 370 -47.18 19.31 22.68
C GLY B 370 -47.86 20.40 21.87
N ARG B 371 -47.89 21.61 22.43
CA ARG B 371 -48.51 22.76 21.77
C ARG B 371 -47.48 23.68 21.13
N THR B 372 -46.20 23.59 21.51
CA THR B 372 -45.18 24.52 21.04
C THR B 372 -44.45 23.95 19.83
N PRO B 373 -44.40 24.69 18.72
CA PRO B 373 -43.55 24.29 17.60
C PRO B 373 -42.08 24.54 17.89
N LYS B 374 -41.23 23.81 17.19
CA LYS B 374 -39.78 23.93 17.34
C LYS B 374 -39.12 24.02 15.98
N VAL B 375 -38.34 25.08 15.78
CA VAL B 375 -37.62 25.32 14.54
C VAL B 375 -36.15 25.01 14.78
N GLU B 376 -35.67 23.90 14.22
CA GLU B 376 -34.29 23.48 14.41
C GLU B 376 -33.58 23.36 13.08
N GLN B 377 -32.35 23.87 13.02
CA GLN B 377 -31.49 23.76 11.85
C GLN B 377 -30.42 22.72 12.11
N LEU B 378 -30.17 21.87 11.13
CA LEU B 378 -29.11 20.89 11.22
C LEU B 378 -28.04 21.18 10.17
N SER B 379 -26.78 20.93 10.51
CA SER B 379 -25.66 21.26 9.65
C SER B 379 -25.10 20.02 8.94
N ASN B 380 -24.44 20.26 7.81
CA ASN B 380 -23.79 19.22 7.01
C ASN B 380 -24.78 18.19 6.50
N MET B 381 -25.77 18.66 5.75
CA MET B 381 -26.85 17.78 5.34
C MET B 381 -26.93 17.53 3.84
N VAL B 382 -26.52 18.49 3.01
CA VAL B 382 -26.68 18.40 1.55
C VAL B 382 -25.30 18.54 0.90
N VAL B 383 -24.98 17.64 -0.04
CA VAL B 383 -23.73 17.70 -0.78
C VAL B 383 -23.84 18.71 -1.93
N LYS B 384 -22.72 19.37 -2.21
CA LYS B 384 -22.58 20.19 -3.41
C LYS B 384 -21.39 19.84 -4.29
N SER B 385 -20.52 18.91 -3.89
CA SER B 385 -19.34 18.52 -4.66
C SER B 385 -18.68 17.34 -3.97
N CYS B 386 -17.62 16.82 -4.59
CA CYS B 386 -16.84 15.72 -4.05
C CYS B 386 -15.36 16.01 -4.24
N LYS B 387 -14.53 15.00 -3.99
CA LYS B 387 -13.09 15.16 -3.94
C LYS B 387 -12.45 13.79 -3.76
N CYS B 388 -11.25 13.61 -4.30
CA CYS B 388 -10.46 12.41 -4.03
C CYS B 388 -9.41 12.75 -2.98
N SER B 389 -9.49 12.11 -1.83
CA SER B 389 -8.58 12.40 -0.73
C SER B 389 -7.87 11.17 -0.19
N CYS C 7 36.91 -0.48 -31.39
CA CYS C 7 35.80 -1.40 -31.64
C CYS C 7 36.31 -2.81 -31.88
N LYS C 8 35.83 -3.75 -31.09
CA LYS C 8 36.25 -5.13 -31.24
C LYS C 8 35.48 -5.82 -32.35
N MET C 9 36.14 -6.75 -33.02
CA MET C 9 35.50 -7.59 -34.03
C MET C 9 35.89 -9.04 -33.79
N VAL C 10 34.96 -9.96 -34.00
CA VAL C 10 35.29 -11.37 -33.87
C VAL C 10 34.97 -12.14 -35.15
N ASP C 11 33.70 -12.21 -35.55
CA ASP C 11 33.33 -12.89 -36.79
C ASP C 11 31.99 -12.32 -37.23
N LYS C 12 32.02 -11.40 -38.20
CA LYS C 12 30.82 -10.73 -38.70
C LYS C 12 30.06 -10.03 -37.57
N LYS C 13 30.74 -9.77 -36.46
CA LYS C 13 30.14 -9.13 -35.29
C LYS C 13 31.02 -8.00 -34.84
N VAL C 14 30.40 -6.90 -34.43
CA VAL C 14 31.12 -5.71 -33.98
C VAL C 14 30.59 -5.34 -32.62
N SER C 15 31.50 -4.98 -31.71
CA SER C 15 31.13 -4.43 -30.42
C SER C 15 31.59 -2.99 -30.37
N CYS C 16 30.70 -2.08 -30.00
CA CYS C 16 31.06 -0.71 -29.71
C CYS C 16 30.80 -0.45 -28.24
N GLN C 17 31.78 0.16 -27.58
CA GLN C 17 31.88 0.07 -26.13
C GLN C 17 30.83 0.95 -25.45
N VAL C 18 30.98 1.07 -24.13
CA VAL C 18 30.05 1.83 -23.32
C VAL C 18 30.08 3.30 -23.70
N LEU C 19 31.26 3.85 -23.99
CA LEU C 19 31.32 5.29 -24.21
C LEU C 19 32.29 5.64 -25.31
N GLY C 20 32.08 6.80 -25.91
CA GLY C 20 33.05 7.36 -26.83
C GLY C 20 32.53 7.74 -28.20
N LEU C 21 31.23 7.60 -28.43
CA LEU C 21 30.67 7.84 -29.75
C LEU C 21 29.56 8.87 -29.69
N LEU C 22 29.41 9.62 -30.78
CA LEU C 22 28.34 10.58 -30.95
C LEU C 22 27.63 10.42 -32.27
N GLN C 23 28.15 9.60 -33.19
CA GLN C 23 27.54 9.34 -34.47
C GLN C 23 27.75 7.87 -34.79
N VAL C 24 26.94 7.35 -35.70
CA VAL C 24 27.14 5.96 -36.13
C VAL C 24 28.47 5.86 -36.86
N PRO C 25 29.32 4.88 -36.57
CA PRO C 25 30.57 4.75 -37.31
C PRO C 25 30.31 4.31 -38.74
N SER C 26 31.30 4.56 -39.60
CA SER C 26 31.24 4.16 -41.00
C SER C 26 32.47 3.43 -41.49
N VAL C 27 33.48 3.23 -40.64
CA VAL C 27 34.72 2.57 -41.04
C VAL C 27 34.64 1.08 -40.74
N LEU C 28 33.43 0.58 -40.53
CA LEU C 28 33.24 -0.83 -40.25
C LEU C 28 33.17 -1.64 -41.53
N PRO C 29 33.51 -2.92 -41.47
CA PRO C 29 33.35 -3.77 -42.64
C PRO C 29 31.89 -3.81 -43.06
N PRO C 30 31.63 -3.94 -44.37
CA PRO C 30 30.24 -3.93 -44.85
C PRO C 30 29.56 -5.28 -44.84
N ASP C 31 30.20 -6.29 -44.25
CA ASP C 31 29.63 -7.63 -44.17
C ASP C 31 29.12 -7.97 -42.78
N THR C 32 28.99 -6.98 -41.91
CA THR C 32 28.64 -7.25 -40.52
C THR C 32 27.21 -7.76 -40.41
N GLU C 33 26.97 -8.58 -39.39
CA GLU C 33 25.66 -9.16 -39.12
C GLU C 33 25.13 -8.89 -37.72
N THR C 34 25.97 -8.45 -36.80
CA THR C 34 25.54 -8.02 -35.47
C THR C 34 26.21 -6.69 -35.20
N LEU C 35 25.58 -5.89 -34.33
CA LEU C 35 26.11 -4.54 -34.12
C LEU C 35 25.53 -3.98 -32.84
N ASP C 36 26.41 -3.64 -31.89
CA ASP C 36 26.00 -3.17 -30.57
C ASP C 36 26.48 -1.74 -30.39
N LEU C 37 25.60 -0.87 -29.90
CA LEU C 37 25.94 0.53 -29.68
C LEU C 37 25.36 1.10 -28.39
N SER C 38 25.01 0.26 -27.43
CA SER C 38 24.37 0.77 -26.22
C SER C 38 25.35 1.56 -25.37
N GLY C 39 24.86 2.61 -24.74
CA GLY C 39 25.65 3.36 -23.80
C GLY C 39 26.27 4.64 -24.34
N ASN C 40 26.30 4.83 -25.65
CA ASN C 40 27.00 5.96 -26.24
C ASN C 40 26.14 7.23 -26.10
N GLN C 41 26.43 8.24 -26.91
CA GLN C 41 25.73 9.51 -26.83
C GLN C 41 24.97 9.84 -28.11
N LEU C 42 24.51 8.83 -28.85
CA LEU C 42 23.83 9.12 -30.11
C LEU C 42 22.56 9.91 -29.84
N ARG C 43 22.13 10.66 -30.86
CA ARG C 43 21.01 11.57 -30.75
C ARG C 43 20.05 11.48 -31.93
N SER C 44 20.37 10.72 -32.96
CA SER C 44 19.48 10.56 -34.10
C SER C 44 19.98 9.39 -34.93
N ILE C 45 19.13 8.93 -35.83
CA ILE C 45 19.48 7.84 -36.74
C ILE C 45 19.09 8.26 -38.14
N LEU C 46 20.11 8.55 -38.95
CA LEU C 46 19.92 8.95 -40.34
C LEU C 46 20.20 7.76 -41.24
N ALA C 47 19.54 7.75 -42.41
CA ALA C 47 19.58 6.55 -43.25
C ALA C 47 20.95 6.32 -43.87
N SER C 48 21.75 7.38 -44.04
CA SER C 48 22.94 7.27 -44.87
C SER C 48 24.00 6.35 -44.28
N PRO C 49 24.60 6.62 -43.12
CA PRO C 49 25.65 5.72 -42.63
C PRO C 49 25.14 4.32 -42.36
N LEU C 50 23.88 4.19 -41.94
CA LEU C 50 23.34 2.90 -41.55
C LEU C 50 23.01 2.01 -42.73
N GLY C 51 22.60 2.58 -43.87
CA GLY C 51 22.24 1.76 -45.01
C GLY C 51 23.38 0.98 -45.63
N PHE C 52 24.63 1.32 -45.30
CA PHE C 52 25.76 0.57 -45.84
C PHE C 52 25.75 -0.87 -45.38
N TYR C 53 25.11 -1.16 -44.25
CA TYR C 53 25.13 -2.51 -43.68
C TYR C 53 23.81 -3.21 -44.01
N THR C 54 23.79 -3.83 -45.19
CA THR C 54 22.61 -4.53 -45.64
C THR C 54 22.60 -5.99 -45.23
N ALA C 55 23.59 -6.44 -44.47
CA ALA C 55 23.63 -7.79 -43.95
C ALA C 55 23.33 -7.85 -42.45
N LEU C 56 22.84 -6.78 -41.86
CA LEU C 56 22.55 -6.77 -40.44
C LEU C 56 21.41 -7.71 -40.12
N ARG C 57 21.50 -8.38 -38.98
CA ARG C 57 20.41 -9.18 -38.46
C ARG C 57 20.02 -8.82 -37.03
N HIS C 58 20.88 -8.15 -36.28
CA HIS C 58 20.65 -7.82 -34.89
C HIS C 58 21.24 -6.44 -34.65
N LEU C 59 20.50 -5.56 -33.98
CA LEU C 59 20.91 -4.18 -33.82
C LEU C 59 20.44 -3.67 -32.48
N ASP C 60 21.38 -3.34 -31.59
CA ASP C 60 21.07 -2.86 -30.25
C ASP C 60 21.45 -1.38 -30.16
N LEU C 61 20.48 -0.56 -29.78
CA LEU C 61 20.70 0.88 -29.69
C LEU C 61 20.13 1.43 -28.41
N SER C 62 20.09 0.63 -27.35
CA SER C 62 19.47 1.06 -26.11
C SER C 62 20.40 1.95 -25.30
N THR C 63 19.82 2.78 -24.44
CA THR C 63 20.49 3.60 -23.42
C THR C 63 21.19 4.80 -24.04
N ASN C 64 21.12 5.01 -25.35
CA ASN C 64 21.63 6.22 -25.96
C ASN C 64 20.67 7.36 -25.64
N GLU C 65 20.70 8.43 -26.44
CA GLU C 65 19.77 9.54 -26.28
C GLU C 65 18.95 9.81 -27.54
N ILE C 66 18.66 8.75 -28.31
CA ILE C 66 18.09 8.91 -29.64
C ILE C 66 16.73 9.58 -29.54
N SER C 67 16.49 10.56 -30.40
CA SER C 67 15.25 11.33 -30.37
C SER C 67 14.58 11.52 -31.73
N PHE C 68 15.31 11.37 -32.83
CA PHE C 68 14.77 11.56 -34.17
C PHE C 68 15.18 10.37 -35.03
N LEU C 69 14.22 9.77 -35.73
CA LEU C 69 14.48 8.67 -36.64
C LEU C 69 14.05 9.08 -38.05
N GLN C 70 14.96 8.94 -39.01
CA GLN C 70 14.62 9.30 -40.37
C GLN C 70 13.59 8.30 -40.91
N PRO C 71 12.59 8.76 -41.66
CA PRO C 71 11.46 7.87 -42.00
C PRO C 71 11.84 6.62 -42.78
N GLY C 72 12.92 6.63 -43.57
CA GLY C 72 13.29 5.47 -44.34
C GLY C 72 14.46 4.67 -43.80
N ALA C 73 14.91 4.95 -42.58
CA ALA C 73 16.19 4.42 -42.11
C ALA C 73 16.18 2.90 -41.99
N PHE C 74 15.09 2.33 -41.50
CA PHE C 74 15.06 0.90 -41.20
C PHE C 74 14.52 0.05 -42.34
N GLN C 75 14.05 0.65 -43.44
CA GLN C 75 13.56 -0.15 -44.56
C GLN C 75 14.66 -0.51 -45.55
N ALA C 76 15.85 0.06 -45.42
CA ALA C 76 16.98 -0.41 -46.20
C ALA C 76 17.48 -1.75 -45.71
N LEU C 77 17.36 -2.00 -44.41
CA LEU C 77 17.83 -3.23 -43.79
C LEU C 77 16.76 -4.30 -43.98
N THR C 78 17.04 -5.28 -44.84
CA THR C 78 16.03 -6.25 -45.20
C THR C 78 16.23 -7.60 -44.52
N HIS C 79 17.24 -7.75 -43.67
CA HIS C 79 17.49 -9.02 -42.99
C HIS C 79 17.39 -8.92 -41.48
N LEU C 80 16.76 -7.89 -40.93
CA LEU C 80 16.66 -7.79 -39.48
C LEU C 80 15.84 -8.93 -38.88
N GLU C 81 16.13 -9.24 -37.64
CA GLU C 81 15.32 -10.10 -36.83
C GLU C 81 15.03 -9.51 -35.46
N HIS C 82 15.92 -8.69 -34.94
CA HIS C 82 15.80 -8.13 -33.60
C HIS C 82 16.20 -6.66 -33.67
N LEU C 83 15.53 -5.84 -32.86
CA LEU C 83 15.81 -4.41 -32.84
C LEU C 83 15.41 -3.85 -31.50
N SER C 84 16.36 -3.23 -30.81
CA SER C 84 16.16 -2.75 -29.45
C SER C 84 16.38 -1.25 -29.41
N LEU C 85 15.44 -0.52 -28.84
CA LEU C 85 15.53 0.92 -28.73
C LEU C 85 15.09 1.39 -27.36
N ALA C 86 15.42 0.64 -26.32
CA ALA C 86 14.91 0.92 -24.99
C ALA C 86 15.68 2.06 -24.33
N HIS C 87 15.00 2.77 -23.44
CA HIS C 87 15.61 3.80 -22.61
C HIS C 87 16.22 4.93 -23.42
N ASN C 88 15.70 5.20 -24.60
CA ASN C 88 16.08 6.37 -25.39
C ASN C 88 15.12 7.51 -25.07
N ARG C 89 15.04 8.51 -25.94
CA ARG C 89 14.13 9.63 -25.76
C ARG C 89 13.15 9.79 -26.91
N LEU C 90 12.52 8.71 -27.36
CA LEU C 90 11.70 8.78 -28.56
C LEU C 90 10.47 9.64 -28.40
N ALA C 91 10.10 10.01 -27.18
CA ALA C 91 8.83 10.72 -26.99
C ALA C 91 8.87 12.16 -27.46
N MET C 92 10.04 12.67 -27.86
CA MET C 92 10.12 13.99 -28.44
C MET C 92 9.98 13.97 -29.95
N ALA C 93 9.85 12.80 -30.57
CA ALA C 93 9.70 12.69 -32.00
C ALA C 93 8.25 12.95 -32.41
N SER C 97 4.60 14.18 -35.68
CA SER C 97 4.63 14.91 -36.94
C SER C 97 5.53 14.20 -37.95
N ALA C 98 6.78 14.00 -37.57
CA ALA C 98 7.77 13.42 -38.46
C ALA C 98 8.47 12.27 -37.76
N GLY C 99 9.20 11.49 -38.54
CA GLY C 99 9.88 10.33 -38.01
C GLY C 99 8.97 9.13 -37.89
N GLY C 100 9.52 8.07 -37.31
CA GLY C 100 8.79 6.85 -37.09
C GLY C 100 9.37 5.67 -37.83
N LEU C 101 8.85 4.50 -37.49
CA LEU C 101 9.26 3.24 -38.10
C LEU C 101 8.32 2.93 -39.25
N GLY C 102 8.84 2.31 -40.29
CA GLY C 102 8.03 1.93 -41.40
C GLY C 102 7.75 0.45 -41.38
N PRO C 103 7.49 -0.14 -42.55
CA PRO C 103 7.32 -1.59 -42.61
C PRO C 103 8.59 -2.31 -42.18
N LEU C 104 8.41 -3.40 -41.44
CA LEU C 104 9.51 -4.21 -40.92
C LEU C 104 9.19 -5.66 -41.18
N PRO C 105 9.53 -6.18 -42.36
CA PRO C 105 9.00 -7.49 -42.75
C PRO C 105 9.55 -8.68 -41.97
N ARG C 106 10.85 -8.70 -41.68
CA ARG C 106 11.46 -9.87 -41.08
C ARG C 106 11.68 -9.75 -39.58
N VAL C 107 11.23 -8.67 -38.95
CA VAL C 107 11.45 -8.47 -37.53
C VAL C 107 10.62 -9.47 -36.74
N THR C 108 11.21 -10.06 -35.69
CA THR C 108 10.48 -10.93 -34.79
C THR C 108 10.47 -10.46 -33.34
N SER C 109 11.21 -9.41 -33.00
CA SER C 109 11.23 -8.87 -31.65
C SER C 109 11.44 -7.37 -31.72
N LEU C 110 10.84 -6.65 -30.79
CA LEU C 110 10.91 -5.20 -30.81
C LEU C 110 10.71 -4.68 -29.40
N ASP C 111 11.69 -3.95 -28.90
CA ASP C 111 11.71 -3.49 -27.53
C ASP C 111 11.61 -1.97 -27.52
N LEU C 112 10.62 -1.44 -26.83
CA LEU C 112 10.37 -0.01 -26.81
C LEU C 112 10.07 0.47 -25.40
N SER C 113 10.64 -0.17 -24.39
CA SER C 113 10.35 0.16 -23.00
C SER C 113 11.23 1.29 -22.51
N GLY C 114 10.72 2.03 -21.54
CA GLY C 114 11.50 3.09 -20.95
C GLY C 114 11.59 4.36 -21.76
N ASN C 115 10.82 4.50 -22.82
CA ASN C 115 10.93 5.64 -23.70
C ASN C 115 10.00 6.81 -23.33
N SER C 116 9.06 6.60 -22.41
CA SER C 116 8.12 7.62 -21.96
C SER C 116 7.05 7.95 -22.99
N LEU C 117 6.67 6.98 -23.83
CA LEU C 117 5.65 7.22 -24.83
C LEU C 117 4.32 7.49 -24.16
N TYR C 118 3.30 7.77 -24.97
CA TYR C 118 1.98 8.11 -24.46
C TYR C 118 0.94 7.66 -25.46
N SER C 119 -0.31 7.68 -25.02
CA SER C 119 -1.40 7.18 -25.85
C SER C 119 -1.66 8.09 -27.03
N GLY C 120 -1.79 7.49 -28.21
CA GLY C 120 -1.94 8.21 -29.45
C GLY C 120 -0.69 8.30 -30.27
N LEU C 121 0.48 8.25 -29.64
CA LEU C 121 1.75 8.31 -30.36
C LEU C 121 2.11 6.99 -31.02
N LEU C 122 1.55 5.88 -30.56
CA LEU C 122 1.99 4.57 -31.04
C LEU C 122 1.49 4.30 -32.44
N GLU C 123 0.28 4.74 -32.75
CA GLU C 123 -0.30 4.45 -34.06
C GLU C 123 0.48 5.10 -35.20
N ARG C 124 1.26 6.13 -34.88
CA ARG C 124 2.13 6.80 -35.84
C ARG C 124 3.57 6.32 -35.73
N LEU C 125 3.99 5.95 -34.54
CA LEU C 125 5.37 5.50 -34.35
C LEU C 125 5.61 4.19 -35.09
N LEU C 126 4.69 3.24 -34.97
CA LEU C 126 4.91 1.89 -35.46
C LEU C 126 3.98 1.60 -36.63
N GLY C 127 4.54 1.05 -37.70
CA GLY C 127 3.87 0.73 -38.95
C GLY C 127 3.47 -0.73 -39.04
N GLU C 128 3.82 -1.35 -40.17
CA GLU C 128 3.47 -2.72 -40.48
C GLU C 128 4.49 -3.67 -39.88
N ALA C 129 4.06 -4.91 -39.61
CA ALA C 129 4.87 -5.93 -38.94
C ALA C 129 4.24 -7.29 -39.09
N PRO C 130 4.45 -7.98 -40.22
CA PRO C 130 3.79 -9.29 -40.41
C PRO C 130 4.38 -10.41 -39.58
N SER C 131 5.66 -10.34 -39.22
CA SER C 131 6.34 -11.48 -38.60
C SER C 131 6.67 -11.26 -37.14
N LEU C 132 6.15 -10.21 -36.52
CA LEU C 132 6.48 -9.90 -35.13
C LEU C 132 5.91 -10.97 -34.22
N HIS C 133 6.70 -11.41 -33.24
CA HIS C 133 6.28 -12.40 -32.27
C HIS C 133 6.22 -11.88 -30.86
N THR C 134 7.00 -10.86 -30.52
CA THR C 134 7.14 -10.37 -29.17
C THR C 134 7.27 -8.85 -29.21
N LEU C 135 6.55 -8.18 -28.32
CA LEU C 135 6.52 -6.72 -28.27
C LEU C 135 6.52 -6.30 -26.82
N SER C 136 7.30 -5.28 -26.49
CA SER C 136 7.46 -4.83 -25.12
C SER C 136 7.26 -3.34 -25.05
N LEU C 137 6.27 -2.91 -24.26
CA LEU C 137 5.92 -1.51 -24.12
C LEU C 137 5.85 -1.14 -22.65
N ALA C 138 6.69 -1.75 -21.83
CA ALA C 138 6.67 -1.54 -20.39
C ALA C 138 7.28 -0.19 -20.02
N GLU C 139 6.91 0.30 -18.86
CA GLU C 139 7.52 1.49 -18.27
C GLU C 139 7.34 2.74 -19.12
N ASN C 140 6.23 2.87 -19.83
CA ASN C 140 5.85 4.06 -20.58
C ASN C 140 4.74 4.82 -19.84
N SER C 141 4.08 5.75 -20.53
CA SER C 141 3.02 6.56 -19.95
C SER C 141 1.67 6.40 -20.66
N LEU C 142 1.32 5.17 -21.00
CA LEU C 142 0.06 4.89 -21.70
C LEU C 142 -1.11 4.93 -20.72
N THR C 143 -2.30 5.28 -21.24
CA THR C 143 -3.47 5.46 -20.38
C THR C 143 -4.73 4.77 -20.90
N ARG C 144 -4.78 4.40 -22.18
CA ARG C 144 -6.01 3.89 -22.78
C ARG C 144 -5.68 3.03 -23.98
N LEU C 145 -6.34 1.89 -24.10
CA LEU C 145 -6.16 0.98 -25.23
C LEU C 145 -7.45 0.88 -26.03
N THR C 146 -7.43 1.40 -27.25
CA THR C 146 -8.59 1.58 -28.11
C THR C 146 -8.62 0.45 -29.14
N ARG C 147 -9.70 0.36 -29.91
CA ARG C 147 -9.80 -0.64 -30.97
C ARG C 147 -8.74 -0.44 -32.04
N HIS C 148 -8.15 0.74 -32.12
CA HIS C 148 -7.21 1.10 -33.18
C HIS C 148 -5.75 0.91 -32.80
N THR C 149 -5.45 0.42 -31.59
CA THR C 149 -4.07 0.47 -31.11
C THR C 149 -3.20 -0.52 -31.85
N PHE C 150 -3.47 -1.81 -31.70
CA PHE C 150 -2.68 -2.84 -32.35
C PHE C 150 -3.36 -3.21 -33.67
N ARG C 151 -2.67 -2.97 -34.76
CA ARG C 151 -3.24 -3.28 -36.06
C ARG C 151 -2.17 -3.92 -36.91
N ASP C 152 -2.58 -4.87 -37.75
CA ASP C 152 -1.69 -5.47 -38.73
C ASP C 152 -0.53 -6.21 -38.06
N MET C 153 -0.85 -7.09 -37.12
CA MET C 153 0.14 -7.95 -36.49
C MET C 153 -0.54 -9.23 -36.01
N PRO C 154 -0.74 -10.18 -36.92
CA PRO C 154 -1.47 -11.40 -36.58
C PRO C 154 -0.60 -12.54 -36.07
N ALA C 155 0.72 -12.40 -36.05
CA ALA C 155 1.59 -13.42 -35.51
C ALA C 155 2.11 -13.09 -34.12
N LEU C 156 1.62 -12.01 -33.51
CA LEU C 156 2.03 -11.65 -32.17
C LEU C 156 1.61 -12.74 -31.20
N GLU C 157 2.47 -13.05 -30.24
CA GLU C 157 2.20 -14.05 -29.23
C GLU C 157 2.40 -13.56 -27.81
N GLN C 158 3.20 -12.53 -27.59
CA GLN C 158 3.49 -12.05 -26.24
C GLN C 158 3.49 -10.54 -26.23
N LEU C 159 2.92 -9.97 -25.17
CA LEU C 159 2.71 -8.54 -25.08
C LEU C 159 2.90 -8.14 -23.64
N ASP C 160 3.85 -7.24 -23.40
CA ASP C 160 4.27 -6.88 -22.05
C ASP C 160 3.96 -5.41 -21.82
N LEU C 161 3.02 -5.14 -20.94
CA LEU C 161 2.49 -3.79 -20.74
C LEU C 161 2.53 -3.37 -19.28
N HIS C 162 3.41 -3.93 -18.47
CA HIS C 162 3.42 -3.58 -17.06
C HIS C 162 4.01 -2.18 -16.85
N SER C 163 3.81 -1.66 -15.64
CA SER C 163 4.36 -0.38 -15.22
C SER C 163 3.98 0.76 -16.14
N ASN C 164 2.75 0.76 -16.63
CA ASN C 164 2.13 1.87 -17.32
C ASN C 164 1.11 2.55 -16.42
N VAL C 165 0.23 3.37 -16.99
CA VAL C 165 -0.75 4.12 -16.21
C VAL C 165 -2.15 3.81 -16.73
N LEU C 166 -2.37 2.58 -17.18
CA LEU C 166 -3.60 2.24 -17.88
C LEU C 166 -4.81 2.28 -16.95
N MET C 167 -5.89 2.88 -17.45
CA MET C 167 -7.16 2.97 -16.74
C MET C 167 -8.34 2.46 -17.55
N ASP C 168 -8.24 2.36 -18.87
CA ASP C 168 -9.34 2.01 -19.74
C ASP C 168 -8.89 0.97 -20.75
N ILE C 169 -9.79 0.07 -21.11
CA ILE C 169 -9.59 -0.87 -22.21
C ILE C 169 -10.91 -1.03 -22.95
N GLU C 170 -11.09 -0.33 -24.06
CA GLU C 170 -12.36 -0.43 -24.77
C GLU C 170 -12.54 -1.79 -25.39
N ASP C 171 -13.80 -2.08 -25.72
CA ASP C 171 -14.15 -3.39 -26.25
C ASP C 171 -13.59 -3.55 -27.66
N GLY C 172 -12.88 -4.64 -27.89
CA GLY C 172 -12.29 -4.89 -29.19
C GLY C 172 -10.82 -4.61 -29.30
N ALA C 173 -10.16 -4.19 -28.21
CA ALA C 173 -8.76 -3.79 -28.29
C ALA C 173 -7.85 -4.96 -28.64
N PHE C 174 -8.30 -6.19 -28.42
CA PHE C 174 -7.52 -7.39 -28.71
C PHE C 174 -8.14 -8.25 -29.80
N GLU C 175 -9.08 -7.71 -30.58
CA GLU C 175 -9.72 -8.51 -31.64
C GLU C 175 -8.78 -8.78 -32.79
N GLY C 176 -7.78 -7.93 -33.00
CA GLY C 176 -6.85 -8.13 -34.09
C GLY C 176 -5.71 -9.06 -33.78
N LEU C 177 -5.78 -9.80 -32.68
CA LEU C 177 -4.70 -10.63 -32.18
C LEU C 177 -5.23 -12.04 -31.95
N PRO C 178 -5.33 -12.85 -33.00
CA PRO C 178 -5.90 -14.19 -32.86
C PRO C 178 -4.94 -15.28 -32.40
N ARG C 179 -3.71 -14.96 -32.03
CA ARG C 179 -2.75 -15.98 -31.60
C ARG C 179 -2.07 -15.61 -30.29
N LEU C 180 -2.49 -14.54 -29.63
CA LEU C 180 -1.85 -14.11 -28.40
C LEU C 180 -2.06 -15.15 -27.31
N THR C 181 -1.01 -15.43 -26.54
CA THR C 181 -1.11 -16.36 -25.43
C THR C 181 -0.52 -15.85 -24.12
N HIS C 182 0.14 -14.70 -24.09
CA HIS C 182 0.68 -14.13 -22.85
C HIS C 182 0.37 -12.66 -22.78
N LEU C 183 -0.21 -12.24 -21.67
CA LEU C 183 -0.58 -10.86 -21.47
C LEU C 183 -0.15 -10.47 -20.06
N ASN C 184 0.45 -9.29 -19.92
CA ASN C 184 1.06 -8.91 -18.66
C ASN C 184 0.69 -7.46 -18.38
N LEU C 185 -0.20 -7.26 -17.41
CA LEU C 185 -0.78 -5.97 -17.10
C LEU C 185 -0.61 -5.64 -15.63
N SER C 186 0.46 -6.10 -15.01
CA SER C 186 0.68 -5.79 -13.60
C SER C 186 1.14 -4.35 -13.42
N ARG C 187 0.95 -3.82 -12.21
CA ARG C 187 1.39 -2.49 -11.82
C ARG C 187 0.81 -1.40 -12.69
N ASN C 188 -0.43 -1.54 -13.11
CA ASN C 188 -1.19 -0.51 -13.80
C ASN C 188 -2.24 0.08 -12.85
N SER C 189 -3.21 0.79 -13.41
CA SER C 189 -4.18 1.54 -12.62
C SER C 189 -5.63 1.14 -12.89
N LEU C 190 -5.87 -0.10 -13.30
CA LEU C 190 -7.20 -0.59 -13.65
C LEU C 190 -8.06 -0.75 -12.40
N THR C 191 -9.37 -0.54 -12.54
CA THR C 191 -10.28 -0.52 -11.40
C THR C 191 -11.40 -1.55 -11.44
N CYS C 192 -11.97 -1.87 -12.59
CA CYS C 192 -13.08 -2.79 -12.63
C CYS C 192 -13.00 -3.54 -13.96
N ILE C 193 -13.16 -4.85 -13.92
CA ILE C 193 -13.15 -5.69 -15.12
C ILE C 193 -14.55 -6.23 -15.32
N SER C 194 -15.09 -6.05 -16.53
CA SER C 194 -16.47 -6.39 -16.82
C SER C 194 -16.65 -7.61 -17.70
N ASP C 195 -15.64 -8.01 -18.45
CA ASP C 195 -15.82 -9.11 -19.38
C ASP C 195 -14.48 -9.76 -19.64
N PHE C 196 -14.52 -10.96 -20.20
CA PHE C 196 -13.30 -11.66 -20.57
C PHE C 196 -13.65 -12.65 -21.67
N SER C 197 -13.10 -12.43 -22.87
CA SER C 197 -13.49 -13.25 -24.01
C SER C 197 -12.32 -13.74 -24.84
N LEU C 198 -11.08 -13.63 -24.35
CA LEU C 198 -9.94 -14.05 -25.15
C LEU C 198 -9.83 -15.57 -25.06
N GLN C 199 -10.33 -16.27 -26.07
CA GLN C 199 -10.45 -17.72 -26.02
C GLN C 199 -9.08 -18.37 -25.81
N GLN C 200 -8.09 -17.94 -26.56
CA GLN C 200 -6.85 -18.68 -26.74
C GLN C 200 -5.77 -18.31 -25.73
N LEU C 201 -6.01 -17.33 -24.87
CA LEU C 201 -5.00 -16.87 -23.93
C LEU C 201 -4.66 -17.97 -22.94
N ARG C 202 -3.45 -17.93 -22.40
CA ARG C 202 -3.02 -18.97 -21.48
C ARG C 202 -2.47 -18.46 -20.16
N VAL C 203 -1.89 -17.26 -20.15
CA VAL C 203 -1.30 -16.70 -18.94
C VAL C 203 -1.73 -15.24 -18.85
N LEU C 204 -2.28 -14.86 -17.70
CA LEU C 204 -2.82 -13.54 -17.48
C LEU C 204 -2.35 -13.04 -16.12
N ASP C 205 -1.79 -11.84 -16.08
CA ASP C 205 -1.16 -11.32 -14.87
C ASP C 205 -1.75 -9.95 -14.60
N LEU C 206 -2.63 -9.86 -13.62
CA LEU C 206 -3.33 -8.63 -13.27
C LEU C 206 -3.05 -8.20 -11.85
N SER C 207 -1.88 -8.55 -11.33
CA SER C 207 -1.53 -8.23 -9.96
C SER C 207 -1.20 -6.75 -9.80
N CYS C 208 -1.21 -6.28 -8.56
CA CYS C 208 -0.79 -4.92 -8.20
C CYS C 208 -1.55 -3.85 -8.97
N ASN C 209 -2.87 -3.93 -8.94
CA ASN C 209 -3.76 -2.95 -9.57
C ASN C 209 -4.77 -2.47 -8.52
N SER C 210 -5.90 -1.87 -8.93
CA SER C 210 -6.93 -1.43 -8.00
C SER C 210 -8.28 -2.12 -8.23
N ILE C 211 -8.28 -3.29 -8.84
CA ILE C 211 -9.49 -3.93 -9.36
C ILE C 211 -10.44 -4.27 -8.22
N GLU C 212 -11.66 -3.73 -8.27
CA GLU C 212 -12.69 -3.92 -7.25
C GLU C 212 -13.58 -5.12 -7.51
N ALA C 213 -13.94 -5.35 -8.77
CA ALA C 213 -14.74 -6.51 -9.14
C ALA C 213 -14.15 -7.17 -10.36
N PHE C 214 -14.38 -8.47 -10.50
CA PHE C 214 -13.90 -9.23 -11.63
C PHE C 214 -15.01 -10.17 -12.08
N GLN C 215 -15.32 -10.13 -13.37
CA GLN C 215 -16.34 -11.01 -13.92
C GLN C 215 -15.91 -11.43 -15.32
N THR C 216 -16.25 -12.66 -15.69
CA THR C 216 -15.93 -13.15 -17.02
C THR C 216 -17.21 -13.26 -17.84
N ALA C 217 -17.09 -13.82 -19.04
CA ALA C 217 -18.20 -13.88 -19.98
C ALA C 217 -19.13 -15.03 -19.64
N SER C 218 -20.00 -15.38 -20.59
CA SER C 218 -20.95 -16.46 -20.41
C SER C 218 -21.23 -17.12 -21.75
N GLN C 219 -21.42 -18.44 -21.70
CA GLN C 219 -21.84 -19.23 -22.86
C GLN C 219 -20.95 -19.04 -24.08
N PRO C 220 -19.67 -19.44 -24.01
CA PRO C 220 -18.79 -19.33 -25.17
C PRO C 220 -19.01 -20.47 -26.15
N GLN C 221 -18.49 -20.27 -27.36
CA GLN C 221 -18.51 -21.34 -28.35
C GLN C 221 -17.58 -22.48 -27.95
N ALA C 222 -16.44 -22.18 -27.37
CA ALA C 222 -15.51 -23.18 -26.89
C ALA C 222 -14.96 -22.74 -25.54
N GLU C 223 -14.43 -23.70 -24.79
CA GLU C 223 -13.92 -23.38 -23.47
C GLU C 223 -12.69 -22.49 -23.59
N PHE C 224 -12.52 -21.65 -22.58
CA PHE C 224 -11.32 -20.84 -22.47
C PHE C 224 -10.14 -21.72 -22.10
N GLN C 225 -8.97 -21.36 -22.62
CA GLN C 225 -7.77 -22.14 -22.42
C GLN C 225 -6.93 -21.65 -21.25
N LEU C 226 -7.36 -20.61 -20.54
CA LEU C 226 -6.54 -20.02 -19.49
C LEU C 226 -6.19 -21.04 -18.42
N THR C 227 -4.92 -21.02 -17.99
CA THR C 227 -4.42 -21.93 -16.98
C THR C 227 -3.55 -21.27 -15.91
N TRP C 228 -3.47 -19.94 -15.87
CA TRP C 228 -2.62 -19.27 -14.90
C TRP C 228 -3.17 -17.87 -14.68
N LEU C 229 -3.60 -17.56 -13.47
CA LEU C 229 -4.26 -16.30 -13.18
C LEU C 229 -3.68 -15.72 -11.91
N ASP C 230 -3.34 -14.44 -11.91
CA ASP C 230 -2.71 -13.78 -10.78
C ASP C 230 -3.42 -12.49 -10.50
N LEU C 231 -4.11 -12.43 -9.36
CA LEU C 231 -4.92 -11.29 -8.95
C LEU C 231 -4.53 -10.84 -7.54
N ARG C 232 -3.31 -11.11 -7.12
CA ARG C 232 -2.86 -10.73 -5.79
C ARG C 232 -2.76 -9.21 -5.66
N GLU C 233 -2.86 -8.73 -4.42
CA GLU C 233 -2.68 -7.33 -4.09
C GLU C 233 -3.56 -6.41 -4.92
N ASN C 234 -4.87 -6.53 -4.71
CA ASN C 234 -5.90 -5.68 -5.31
C ASN C 234 -6.93 -5.32 -4.25
N LYS C 235 -8.16 -4.98 -4.64
CA LYS C 235 -9.20 -4.61 -3.68
C LYS C 235 -10.46 -5.45 -3.81
N LEU C 236 -10.33 -6.70 -4.23
CA LEU C 236 -11.49 -7.57 -4.44
C LEU C 236 -12.18 -7.86 -3.12
N LEU C 237 -13.51 -7.93 -3.17
CA LEU C 237 -14.34 -8.13 -1.98
C LEU C 237 -15.09 -9.45 -1.96
N HIS C 238 -15.15 -10.17 -3.07
CA HIS C 238 -15.77 -11.47 -3.08
C HIS C 238 -14.91 -12.41 -3.89
N PHE C 239 -14.98 -13.68 -3.56
CA PHE C 239 -14.33 -14.70 -4.35
C PHE C 239 -14.92 -14.66 -5.76
N PRO C 240 -14.12 -14.51 -6.81
CA PRO C 240 -14.69 -14.34 -8.14
C PRO C 240 -15.38 -15.60 -8.61
N ASP C 241 -16.33 -15.44 -9.52
CA ASP C 241 -17.03 -16.55 -10.12
C ASP C 241 -16.23 -17.02 -11.34
N LEU C 242 -15.65 -18.21 -11.24
CA LEU C 242 -14.78 -18.76 -12.27
C LEU C 242 -15.32 -20.07 -12.79
N ALA C 243 -16.61 -20.10 -13.09
CA ALA C 243 -17.23 -21.33 -13.57
C ALA C 243 -16.85 -21.64 -15.01
N ALA C 244 -16.50 -20.64 -15.81
CA ALA C 244 -16.25 -20.80 -17.22
C ALA C 244 -14.78 -21.05 -17.56
N LEU C 245 -13.91 -21.17 -16.55
CA LEU C 245 -12.48 -21.39 -16.75
C LEU C 245 -12.12 -22.78 -16.22
N PRO C 246 -12.50 -23.84 -16.93
CA PRO C 246 -12.33 -25.18 -16.38
C PRO C 246 -10.91 -25.73 -16.44
N ARG C 247 -9.97 -25.02 -17.05
CA ARG C 247 -8.62 -25.54 -17.21
C ARG C 247 -7.67 -25.03 -16.14
N LEU C 248 -8.10 -24.12 -15.27
CA LEU C 248 -7.21 -23.37 -14.41
C LEU C 248 -6.41 -24.29 -13.48
N ILE C 249 -5.13 -23.98 -13.33
CA ILE C 249 -4.20 -24.80 -12.56
C ILE C 249 -3.56 -24.00 -11.43
N TYR C 250 -3.49 -22.69 -11.56
CA TYR C 250 -2.90 -21.81 -10.57
C TYR C 250 -3.82 -20.64 -10.37
N LEU C 251 -3.83 -20.09 -9.16
CA LEU C 251 -4.71 -19.00 -8.78
C LEU C 251 -4.15 -18.39 -7.51
N ASN C 252 -4.09 -17.07 -7.45
CA ASN C 252 -3.40 -16.41 -6.34
C ASN C 252 -4.16 -15.15 -5.99
N LEU C 253 -4.82 -15.16 -4.85
CA LEU C 253 -5.70 -14.07 -4.41
C LEU C 253 -5.23 -13.48 -3.09
N SER C 254 -3.94 -13.61 -2.79
CA SER C 254 -3.38 -13.12 -1.54
C SER C 254 -3.45 -11.59 -1.48
N ASN C 255 -3.59 -11.06 -0.27
CA ASN C 255 -3.60 -9.61 -0.01
C ASN C 255 -4.74 -8.91 -0.73
N ASN C 256 -5.97 -9.24 -0.34
CA ASN C 256 -7.18 -8.61 -0.85
C ASN C 256 -8.11 -8.37 0.34
N LEU C 257 -9.42 -8.20 0.08
CA LEU C 257 -10.40 -7.98 1.14
C LEU C 257 -11.54 -8.99 1.13
N ILE C 258 -11.30 -10.17 0.57
CA ILE C 258 -12.35 -11.13 0.31
C ILE C 258 -12.99 -11.62 1.62
N ARG C 259 -14.31 -11.75 1.61
CA ARG C 259 -15.10 -12.39 2.66
C ARG C 259 -15.95 -13.47 2.03
N LEU C 260 -15.98 -14.64 2.63
CA LEU C 260 -16.78 -15.72 2.06
C LEU C 260 -18.24 -15.62 2.50
N PRO C 261 -19.17 -16.14 1.70
CA PRO C 261 -20.59 -15.92 2.02
C PRO C 261 -21.09 -16.85 3.12
N ARG C 293 -17.73 -29.41 -12.39
CA ARG C 293 -17.48 -28.62 -11.20
C ARG C 293 -16.59 -27.44 -11.52
N PRO C 294 -16.84 -26.30 -10.88
CA PRO C 294 -16.12 -25.07 -11.26
C PRO C 294 -14.61 -25.16 -11.16
N LEU C 295 -14.06 -25.78 -10.12
CA LEU C 295 -12.62 -25.74 -9.87
C LEU C 295 -12.06 -27.14 -9.68
N SER C 296 -12.41 -28.04 -10.59
CA SER C 296 -12.08 -29.44 -10.42
C SER C 296 -10.64 -29.76 -10.78
N GLN C 297 -9.88 -28.81 -11.32
CA GLN C 297 -8.51 -29.07 -11.70
C GLN C 297 -7.49 -28.17 -11.01
N LEU C 298 -7.94 -27.24 -10.17
CA LEU C 298 -7.02 -26.34 -9.47
C LEU C 298 -6.06 -27.14 -8.59
N LEU C 299 -4.78 -26.79 -8.65
CA LEU C 299 -3.74 -27.44 -7.86
C LEU C 299 -3.06 -26.52 -6.86
N ASN C 300 -3.18 -25.21 -7.00
CA ASN C 300 -2.50 -24.24 -6.14
C ASN C 300 -3.46 -23.09 -5.92
N LEU C 301 -3.74 -22.79 -4.65
CA LEU C 301 -4.66 -21.72 -4.28
C LEU C 301 -4.09 -20.99 -3.09
N ASP C 302 -3.79 -19.72 -3.25
CA ASP C 302 -3.23 -18.88 -2.18
C ASP C 302 -4.23 -17.83 -1.81
N LEU C 303 -4.56 -17.74 -0.53
CA LEU C 303 -5.72 -17.00 -0.11
C LEU C 303 -5.46 -16.26 1.19
N SER C 304 -4.18 -15.97 1.46
CA SER C 304 -3.72 -15.32 2.67
C SER C 304 -4.17 -13.87 2.75
N TYR C 305 -4.01 -13.29 3.93
CA TYR C 305 -4.12 -11.87 4.14
C TYR C 305 -5.44 -11.29 3.67
N ASN C 306 -6.50 -12.08 3.74
CA ASN C 306 -7.85 -11.58 3.51
C ASN C 306 -8.62 -11.59 4.82
N GLU C 307 -9.90 -11.25 4.77
CA GLU C 307 -10.71 -11.08 5.97
C GLU C 307 -11.73 -12.20 6.17
N ILE C 308 -11.36 -13.43 5.85
CA ILE C 308 -12.26 -14.56 5.97
C ILE C 308 -12.43 -14.95 7.43
N GLU C 309 -13.65 -15.31 7.82
CA GLU C 309 -14.00 -15.65 9.18
C GLU C 309 -14.71 -16.99 9.33
N LEU C 310 -15.54 -17.36 8.39
CA LEU C 310 -16.18 -18.67 8.41
C LEU C 310 -16.16 -19.23 7.00
N ILE C 311 -15.93 -20.53 6.89
CA ILE C 311 -15.84 -21.20 5.61
C ILE C 311 -17.09 -22.04 5.42
N PRO C 312 -17.90 -21.77 4.39
CA PRO C 312 -19.08 -22.60 4.14
C PRO C 312 -18.69 -24.04 3.89
N ASP C 313 -19.61 -24.95 4.23
CA ASP C 313 -19.30 -26.38 4.15
C ASP C 313 -19.06 -26.83 2.72
N SER C 314 -19.89 -26.37 1.78
CA SER C 314 -19.79 -26.81 0.40
C SER C 314 -18.58 -26.25 -0.33
N PHE C 315 -17.94 -25.21 0.22
CA PHE C 315 -16.82 -24.59 -0.48
C PHE C 315 -15.67 -25.59 -0.69
N LEU C 316 -15.31 -26.33 0.35
CA LEU C 316 -14.20 -27.26 0.24
C LEU C 316 -14.54 -28.52 -0.55
N GLU C 317 -15.80 -28.73 -0.90
CA GLU C 317 -16.18 -29.99 -1.54
C GLU C 317 -15.72 -30.03 -2.99
N HIS C 318 -15.73 -28.88 -3.67
CA HIS C 318 -15.41 -28.86 -5.09
C HIS C 318 -13.93 -29.13 -5.35
N LEU C 319 -13.05 -28.68 -4.46
CA LEU C 319 -11.61 -28.68 -4.72
C LEU C 319 -11.05 -30.10 -4.63
N THR C 320 -11.30 -30.87 -5.69
CA THR C 320 -10.93 -32.28 -5.71
C THR C 320 -9.43 -32.48 -5.90
N SER C 321 -8.77 -31.68 -6.73
CA SER C 321 -7.39 -31.94 -7.10
C SER C 321 -6.37 -31.05 -6.39
N LEU C 322 -6.81 -30.18 -5.48
CA LEU C 322 -5.90 -29.24 -4.82
C LEU C 322 -4.78 -29.97 -4.11
N CYS C 323 -3.57 -29.44 -4.24
CA CYS C 323 -2.39 -29.97 -3.57
C CYS C 323 -1.77 -29.01 -2.56
N PHE C 324 -1.85 -27.70 -2.78
CA PHE C 324 -1.36 -26.71 -1.82
C PHE C 324 -2.49 -25.74 -1.51
N LEU C 325 -2.55 -25.27 -0.28
CA LEU C 325 -3.59 -24.35 0.16
C LEU C 325 -3.06 -23.53 1.30
N ASN C 326 -3.10 -22.21 1.17
CA ASN C 326 -2.75 -21.32 2.27
C ASN C 326 -3.96 -20.49 2.67
N LEU C 327 -4.19 -20.41 3.98
CA LEU C 327 -5.25 -19.60 4.58
C LEU C 327 -4.72 -18.78 5.73
N SER C 328 -3.45 -18.42 5.69
CA SER C 328 -2.82 -17.73 6.81
C SER C 328 -3.29 -16.30 6.92
N ARG C 329 -3.11 -15.72 8.10
CA ARG C 329 -3.39 -14.31 8.41
C ARG C 329 -4.83 -13.92 8.15
N ASN C 330 -5.76 -14.85 8.18
CA ASN C 330 -7.18 -14.55 8.17
C ASN C 330 -7.68 -14.50 9.61
N CYS C 331 -9.00 -14.57 9.81
CA CYS C 331 -9.58 -14.42 11.15
C CYS C 331 -10.41 -15.63 11.58
N LEU C 332 -10.17 -16.80 11.02
CA LEU C 332 -10.96 -17.98 11.35
C LEU C 332 -10.93 -18.23 12.86
N ARG C 333 -11.96 -18.92 13.37
CA ARG C 333 -11.92 -19.47 14.72
C ARG C 333 -12.03 -20.97 14.79
N THR C 334 -12.54 -21.63 13.76
CA THR C 334 -12.56 -23.08 13.72
C THR C 334 -12.13 -23.53 12.34
N PHE C 335 -11.77 -24.79 12.22
CA PHE C 335 -11.56 -25.41 10.92
C PHE C 335 -12.12 -26.82 10.97
N GLU C 336 -13.02 -27.14 10.04
CA GLU C 336 -13.69 -28.43 10.04
C GLU C 336 -13.39 -29.16 8.74
N ALA C 337 -13.10 -30.44 8.86
CA ALA C 337 -13.00 -31.36 7.72
C ALA C 337 -13.64 -32.67 8.08
N ARG C 338 -14.84 -32.61 8.67
CA ARG C 338 -15.47 -33.79 9.25
C ARG C 338 -15.79 -34.84 8.19
N ARG C 339 -16.27 -34.41 7.03
CA ARG C 339 -16.70 -35.36 6.02
C ARG C 339 -15.53 -36.21 5.53
N LEU C 340 -15.70 -37.52 5.59
CA LEU C 340 -14.64 -38.44 5.19
C LEU C 340 -14.41 -38.37 3.69
N GLY C 341 -13.14 -38.32 3.29
CA GLY C 341 -12.78 -38.19 1.90
C GLY C 341 -12.69 -36.77 1.36
N SER C 342 -12.79 -35.76 2.23
CA SER C 342 -12.67 -34.38 1.78
C SER C 342 -11.20 -33.99 1.67
N LEU C 343 -10.90 -33.18 0.66
CA LEU C 343 -9.54 -32.79 0.31
C LEU C 343 -8.63 -34.01 0.13
N PRO C 344 -8.92 -34.88 -0.84
CA PRO C 344 -8.16 -36.12 -0.99
C PRO C 344 -6.70 -35.93 -1.32
N CYS C 345 -6.33 -34.84 -2.01
CA CYS C 345 -5.00 -34.70 -2.57
C CYS C 345 -4.11 -33.72 -1.83
N LEU C 346 -4.65 -32.94 -0.90
CA LEU C 346 -3.90 -31.88 -0.24
C LEU C 346 -2.64 -32.43 0.42
N MET C 347 -1.52 -31.76 0.17
CA MET C 347 -0.24 -32.11 0.75
C MET C 347 0.32 -31.06 1.68
N LEU C 348 -0.18 -29.83 1.63
CA LEU C 348 0.25 -28.75 2.52
C LEU C 348 -0.96 -27.93 2.92
N LEU C 349 -1.10 -27.66 4.21
CA LEU C 349 -2.14 -26.80 4.74
C LEU C 349 -1.50 -25.79 5.67
N ASP C 350 -1.86 -24.52 5.52
CA ASP C 350 -1.25 -23.44 6.27
C ASP C 350 -2.35 -22.62 6.94
N LEU C 351 -2.32 -22.56 8.27
CA LEU C 351 -3.34 -21.86 9.03
C LEU C 351 -2.74 -20.94 10.08
N SER C 352 -1.48 -20.56 9.92
CA SER C 352 -0.80 -19.77 10.93
C SER C 352 -1.50 -18.45 11.18
N HIS C 353 -1.30 -17.92 12.38
CA HIS C 353 -1.64 -16.54 12.70
C HIS C 353 -3.08 -16.20 12.41
N ASN C 354 -3.96 -17.19 12.50
CA ASN C 354 -5.39 -16.98 12.61
C ASN C 354 -5.71 -16.86 14.09
N ALA C 355 -6.98 -17.06 14.47
CA ALA C 355 -7.35 -17.09 15.88
C ALA C 355 -8.04 -18.38 16.27
N LEU C 356 -7.60 -19.51 15.74
CA LEU C 356 -8.29 -20.77 15.94
C LEU C 356 -8.41 -21.13 17.41
N GLU C 357 -9.46 -21.87 17.74
CA GLU C 357 -9.66 -22.43 19.06
C GLU C 357 -10.02 -23.91 19.07
N THR C 358 -10.45 -24.48 17.95
CA THR C 358 -10.68 -25.91 17.88
C THR C 358 -10.45 -26.38 16.46
N LEU C 359 -10.26 -27.69 16.31
CA LEU C 359 -9.92 -28.32 15.03
C LEU C 359 -10.72 -29.62 14.92
N GLU C 360 -11.80 -29.58 14.15
CA GLU C 360 -12.67 -30.76 14.07
C GLU C 360 -12.32 -31.65 12.90
N LEU C 361 -11.06 -32.05 12.78
CA LEU C 361 -10.65 -32.94 11.70
C LEU C 361 -11.14 -34.36 11.99
N GLY C 362 -11.83 -34.94 11.03
CA GLY C 362 -12.32 -36.29 11.18
C GLY C 362 -11.34 -37.31 10.62
N ALA C 363 -11.39 -38.52 11.16
CA ALA C 363 -10.53 -39.59 10.69
C ALA C 363 -10.91 -39.98 9.27
N ARG C 364 -9.96 -40.57 8.55
CA ARG C 364 -10.08 -40.88 7.13
C ARG C 364 -10.32 -39.63 6.29
N ALA C 365 -9.77 -38.50 6.75
CA ALA C 365 -9.79 -37.25 6.00
C ALA C 365 -8.39 -36.67 6.00
N LEU C 366 -8.09 -35.86 4.99
CA LEU C 366 -6.75 -35.30 4.81
C LEU C 366 -5.70 -36.41 4.81
N GLY C 367 -5.97 -37.47 4.05
CA GLY C 367 -5.11 -38.65 4.09
C GLY C 367 -3.78 -38.47 3.42
N SER C 368 -3.58 -37.38 2.69
CA SER C 368 -2.32 -37.12 2.01
C SER C 368 -1.51 -36.01 2.66
N LEU C 369 -2.06 -35.30 3.63
CA LEU C 369 -1.41 -34.14 4.22
C LEU C 369 -0.05 -34.50 4.78
N ARG C 370 0.94 -33.67 4.50
CA ARG C 370 2.29 -33.88 4.99
C ARG C 370 2.81 -32.76 5.87
N THR C 371 2.45 -31.51 5.60
CA THR C 371 2.85 -30.38 6.41
C THR C 371 1.61 -29.69 6.96
N LEU C 372 1.64 -29.35 8.24
CA LEU C 372 0.54 -28.63 8.88
C LEU C 372 1.13 -27.57 9.78
N LEU C 373 0.87 -26.31 9.47
CA LEU C 373 1.45 -25.18 10.20
C LEU C 373 0.35 -24.47 10.96
N LEU C 374 0.52 -24.32 12.27
CA LEU C 374 -0.56 -23.76 13.09
C LEU C 374 -0.09 -22.70 14.07
N GLN C 375 1.12 -22.16 13.91
CA GLN C 375 1.70 -21.29 14.92
C GLN C 375 0.91 -20.00 15.05
N GLY C 376 0.96 -19.41 16.23
CA GLY C 376 0.34 -18.12 16.45
C GLY C 376 -1.14 -18.12 16.75
N ASN C 377 -1.76 -19.29 16.90
CA ASN C 377 -3.18 -19.37 17.20
C ASN C 377 -3.39 -19.42 18.71
N ALA C 378 -4.58 -19.81 19.15
CA ALA C 378 -4.90 -19.86 20.56
C ALA C 378 -5.42 -21.22 21.00
N LEU C 379 -4.96 -22.29 20.35
CA LEU C 379 -5.43 -23.63 20.67
C LEU C 379 -5.00 -24.02 22.08
N ARG C 380 -5.94 -24.48 22.89
CA ARG C 380 -5.63 -24.93 24.25
C ARG C 380 -6.03 -26.37 24.54
N ASP C 381 -7.29 -26.71 24.33
CA ASP C 381 -7.82 -28.02 24.67
C ASP C 381 -8.32 -28.71 23.41
N LEU C 382 -7.83 -29.91 23.15
CA LEU C 382 -8.19 -30.65 21.95
C LEU C 382 -8.56 -32.07 22.34
N PRO C 383 -9.32 -32.76 21.51
CA PRO C 383 -9.49 -34.19 21.67
C PRO C 383 -8.15 -34.90 21.63
N PRO C 384 -7.97 -35.94 22.44
CA PRO C 384 -6.63 -36.54 22.57
C PRO C 384 -6.08 -37.10 21.27
N TYR C 385 -6.92 -37.58 20.36
CA TYR C 385 -6.45 -38.25 19.15
C TYR C 385 -6.61 -37.37 17.92
N THR C 386 -6.35 -36.07 18.04
CA THR C 386 -6.47 -35.18 16.90
C THR C 386 -5.41 -35.50 15.85
N PHE C 387 -4.14 -35.42 16.23
CA PHE C 387 -3.04 -35.49 15.26
C PHE C 387 -2.62 -36.91 14.94
N ALA C 388 -3.16 -37.92 15.62
CA ALA C 388 -2.74 -39.29 15.36
C ALA C 388 -3.49 -39.94 14.21
N ASN C 389 -4.57 -39.32 13.74
CA ASN C 389 -5.35 -39.85 12.63
C ASN C 389 -4.79 -39.46 11.27
N LEU C 390 -3.86 -38.52 11.22
CA LEU C 390 -3.27 -38.10 9.95
C LEU C 390 -2.24 -39.13 9.53
N ALA C 391 -2.51 -39.80 8.42
CA ALA C 391 -1.76 -40.99 8.03
C ALA C 391 -0.38 -40.66 7.46
N SER C 392 -0.21 -39.48 6.87
CA SER C 392 1.03 -39.14 6.19
C SER C 392 1.76 -37.94 6.76
N LEU C 393 1.30 -37.38 7.88
CA LEU C 393 1.87 -36.16 8.42
C LEU C 393 3.34 -36.34 8.73
N GLN C 394 4.14 -35.31 8.42
CA GLN C 394 5.59 -35.34 8.62
C GLN C 394 6.19 -34.11 9.24
N ARG C 395 5.46 -33.01 9.39
CA ARG C 395 6.02 -31.78 9.95
C ARG C 395 4.91 -31.01 10.62
N LEU C 396 5.05 -30.75 11.92
CA LEU C 396 4.04 -30.03 12.69
C LEU C 396 4.68 -28.88 13.42
N ASN C 397 4.05 -27.71 13.37
CA ASN C 397 4.59 -26.51 13.99
C ASN C 397 3.49 -25.95 14.88
N LEU C 398 3.71 -25.95 16.19
CA LEU C 398 2.68 -25.53 17.13
C LEU C 398 3.12 -24.35 17.99
N GLN C 399 4.10 -23.57 17.53
CA GLN C 399 4.70 -22.55 18.37
C GLN C 399 3.70 -21.45 18.70
N GLY C 400 3.66 -21.05 19.96
CA GLY C 400 2.86 -19.93 20.39
C GLY C 400 1.47 -20.26 20.89
N ASN C 401 1.04 -21.51 20.81
CA ASN C 401 -0.22 -21.95 21.38
C ASN C 401 0.01 -22.35 22.83
N ARG C 402 -0.98 -22.98 23.46
CA ARG C 402 -0.88 -23.39 24.85
C ARG C 402 -1.24 -24.86 24.99
N VAL C 403 -0.64 -25.67 24.16
CA VAL C 403 -0.88 -27.11 24.13
C VAL C 403 0.00 -27.82 25.15
N SER C 404 -0.59 -28.75 25.89
CA SER C 404 0.14 -29.55 26.87
C SER C 404 0.17 -31.01 26.43
N PRO C 405 1.33 -31.60 26.18
CA PRO C 405 1.35 -32.96 25.65
C PRO C 405 0.91 -33.99 26.68
N CYS C 406 0.60 -35.18 26.18
CA CYS C 406 0.08 -36.25 27.02
C CYS C 406 1.21 -36.90 27.80
N GLY C 407 0.92 -38.05 28.39
CA GLY C 407 1.88 -38.70 29.24
C GLY C 407 2.19 -40.13 28.86
N GLY C 408 2.18 -40.43 27.58
CA GLY C 408 2.49 -41.76 27.12
C GLY C 408 1.27 -42.67 27.20
N PRO C 409 1.29 -43.76 26.44
CA PRO C 409 0.14 -44.69 26.49
C PRO C 409 -0.09 -45.28 27.87
N ASP C 410 0.98 -45.52 28.62
CA ASP C 410 0.87 -46.05 29.97
C ASP C 410 0.81 -44.90 30.96
N GLU C 411 -0.24 -44.87 31.78
CA GLU C 411 -0.49 -43.81 32.75
C GLU C 411 -0.57 -42.46 32.04
N PRO C 412 -1.63 -42.22 31.26
CA PRO C 412 -1.73 -40.94 30.54
C PRO C 412 -1.97 -39.76 31.47
N GLY C 413 -2.02 -38.56 30.91
CA GLY C 413 -2.21 -37.36 31.68
C GLY C 413 -3.67 -36.99 31.84
N PRO C 414 -3.92 -35.78 32.33
CA PRO C 414 -5.30 -35.36 32.61
C PRO C 414 -6.15 -35.23 31.36
N SER C 415 -7.40 -34.81 31.53
CA SER C 415 -8.26 -34.56 30.39
C SER C 415 -7.84 -33.26 29.70
N GLY C 416 -7.98 -33.23 28.38
CA GLY C 416 -7.64 -32.07 27.59
C GLY C 416 -6.24 -32.06 27.04
N CYS C 417 -5.37 -32.97 27.47
CA CYS C 417 -4.04 -33.06 26.88
C CYS C 417 -4.13 -33.68 25.49
N VAL C 418 -3.05 -33.54 24.72
CA VAL C 418 -2.98 -34.02 23.35
C VAL C 418 -1.93 -35.11 23.29
N ALA C 419 -2.22 -36.17 22.54
CA ALA C 419 -1.38 -37.36 22.51
C ALA C 419 -0.44 -37.32 21.31
N PHE C 420 0.86 -37.21 21.58
CA PHE C 420 1.90 -37.34 20.56
C PHE C 420 2.55 -38.71 20.61
N SER C 421 1.84 -39.71 21.15
CA SER C 421 2.48 -40.97 21.54
C SER C 421 2.77 -41.87 20.35
N GLY C 422 1.93 -41.84 19.32
CA GLY C 422 2.05 -42.85 18.29
C GLY C 422 1.92 -42.39 16.85
N ILE C 423 2.32 -41.15 16.56
CA ILE C 423 2.28 -40.63 15.20
C ILE C 423 3.46 -41.19 14.44
N THR C 424 3.26 -42.33 13.78
CA THR C 424 4.39 -43.09 13.25
C THR C 424 5.14 -42.36 12.16
N SER C 425 4.49 -41.45 11.44
CA SER C 425 5.12 -40.81 10.29
C SER C 425 5.86 -39.52 10.65
N LEU C 426 5.60 -38.93 11.81
CA LEU C 426 6.12 -37.60 12.11
C LEU C 426 7.63 -37.61 12.13
N ARG C 427 8.23 -36.49 11.71
CA ARG C 427 9.68 -36.36 11.62
C ARG C 427 10.18 -35.06 12.23
N SER C 428 9.31 -34.08 12.40
CA SER C 428 9.71 -32.80 12.96
C SER C 428 8.57 -32.23 13.77
N LEU C 429 8.91 -31.63 14.91
CA LEU C 429 7.91 -31.04 15.81
C LEU C 429 8.50 -29.81 16.46
N SER C 430 7.66 -28.81 16.70
CA SER C 430 8.08 -27.59 17.38
C SER C 430 7.07 -27.26 18.46
N LEU C 431 7.55 -27.05 19.67
CA LEU C 431 6.70 -26.72 20.82
C LEU C 431 7.23 -25.50 21.55
N VAL C 432 7.73 -24.51 20.82
CA VAL C 432 8.28 -23.33 21.46
C VAL C 432 7.16 -22.50 22.06
N ASP C 433 7.37 -21.99 23.27
CA ASP C 433 6.51 -20.97 23.86
C ASP C 433 5.08 -21.45 24.04
N ASN C 434 4.92 -22.69 24.49
CA ASN C 434 3.62 -23.23 24.80
C ASN C 434 3.32 -23.22 26.29
N GLU C 435 4.23 -22.66 27.10
CA GLU C 435 4.11 -22.64 28.55
C GLU C 435 3.83 -24.04 29.09
N ILE C 436 4.69 -24.98 28.72
CA ILE C 436 4.64 -26.33 29.24
C ILE C 436 5.30 -26.31 30.62
N GLU C 437 4.55 -26.71 31.65
CA GLU C 437 5.12 -26.77 32.98
C GLU C 437 5.81 -28.10 33.23
N LEU C 438 5.23 -29.19 32.72
CA LEU C 438 5.64 -30.53 33.10
C LEU C 438 5.61 -31.41 31.85
N LEU C 439 6.71 -32.11 31.61
CA LEU C 439 6.85 -33.00 30.46
C LEU C 439 6.86 -34.42 30.98
N ARG C 440 5.78 -35.14 30.75
CA ARG C 440 5.60 -36.45 31.37
C ARG C 440 6.51 -37.48 30.74
N ALA C 441 6.56 -38.65 31.37
CA ALA C 441 7.40 -39.73 30.87
C ALA C 441 6.76 -40.38 29.66
N GLY C 442 7.60 -40.79 28.70
CA GLY C 442 7.10 -41.47 27.52
C GLY C 442 6.18 -40.63 26.66
N ALA C 443 6.42 -39.31 26.61
CA ALA C 443 5.54 -38.43 25.86
C ALA C 443 5.64 -38.68 24.36
N PHE C 444 6.80 -39.11 23.88
CA PHE C 444 7.04 -39.33 22.46
C PHE C 444 7.41 -40.78 22.21
N LEU C 445 6.62 -41.72 22.73
CA LEU C 445 7.07 -43.10 22.82
C LEU C 445 7.26 -43.74 21.45
N HIS C 446 6.28 -43.65 20.57
CA HIS C 446 6.34 -44.34 19.29
C HIS C 446 6.38 -43.37 18.12
N THR C 447 6.98 -42.21 18.29
CA THR C 447 7.16 -41.26 17.19
C THR C 447 8.64 -41.16 16.86
N PRO C 448 9.10 -41.77 15.78
CA PRO C 448 10.54 -41.75 15.44
C PRO C 448 10.97 -40.45 14.76
N LEU C 449 10.86 -39.34 15.48
CA LEU C 449 11.12 -38.05 14.88
C LEU C 449 12.60 -37.71 14.92
N THR C 450 13.03 -36.89 13.96
CA THR C 450 14.43 -36.54 13.81
C THR C 450 14.75 -35.10 14.15
N GLU C 451 13.85 -34.38 14.80
CA GLU C 451 14.14 -33.03 15.26
C GLU C 451 13.07 -32.57 16.24
N LEU C 452 13.51 -31.99 17.35
CA LEU C 452 12.62 -31.51 18.39
C LEU C 452 13.05 -30.11 18.79
N ASP C 453 12.15 -29.37 19.41
CA ASP C 453 12.42 -27.98 19.75
C ASP C 453 11.52 -27.60 20.91
N LEU C 454 12.11 -27.37 22.08
CA LEU C 454 11.34 -27.08 23.28
C LEU C 454 11.77 -25.77 23.93
N SER C 455 12.32 -24.85 23.16
CA SER C 455 12.88 -23.63 23.71
C SER C 455 11.80 -22.78 24.36
N SER C 456 12.26 -21.82 25.16
CA SER C 456 11.42 -20.74 25.70
C SER C 456 10.16 -21.25 26.38
N ASN C 457 10.34 -22.22 27.28
CA ASN C 457 9.27 -22.69 28.16
C ASN C 457 9.78 -22.59 29.59
N PRO C 458 9.73 -21.41 30.20
CA PRO C 458 10.36 -21.22 31.50
C PRO C 458 9.74 -22.08 32.57
N GLY C 459 10.56 -22.47 33.54
CA GLY C 459 10.07 -23.36 34.56
C GLY C 459 9.75 -24.75 34.07
N LEU C 460 10.29 -25.16 32.93
CA LEU C 460 10.11 -26.53 32.47
C LEU C 460 10.83 -27.50 33.39
N GLU C 461 10.19 -28.63 33.72
CA GLU C 461 10.91 -29.71 34.41
C GLU C 461 10.69 -30.99 33.62
N VAL C 462 11.79 -31.65 33.28
CA VAL C 462 11.74 -32.82 32.42
C VAL C 462 11.77 -34.05 33.32
N ALA C 463 10.65 -34.76 33.38
CA ALA C 463 10.59 -36.01 34.13
C ALA C 463 11.51 -37.03 33.50
N THR C 464 11.99 -37.97 34.32
CA THR C 464 12.91 -38.98 33.83
C THR C 464 12.18 -39.92 32.87
N GLY C 465 12.83 -40.23 31.76
CA GLY C 465 12.23 -41.08 30.75
C GLY C 465 11.27 -40.37 29.82
N ALA C 466 11.21 -39.04 29.87
CA ALA C 466 10.32 -38.30 28.99
C ALA C 466 10.68 -38.49 27.53
N LEU C 467 11.98 -38.40 27.22
CA LEU C 467 12.46 -38.51 25.86
C LEU C 467 12.80 -39.93 25.47
N GLY C 468 12.18 -40.92 26.11
CA GLY C 468 12.46 -42.32 25.83
C GLY C 468 11.95 -42.81 24.50
N GLY C 469 12.83 -43.42 23.71
CA GLY C 469 12.51 -43.86 22.38
C GLY C 469 13.18 -43.05 21.29
N LEU C 470 13.62 -41.84 21.59
CA LEU C 470 14.21 -40.95 20.59
C LEU C 470 15.71 -41.16 20.42
N GLU C 471 16.34 -42.01 21.22
CA GLU C 471 17.79 -42.15 21.14
C GLU C 471 18.22 -42.64 19.76
N ALA C 472 17.46 -43.55 19.16
CA ALA C 472 17.84 -44.20 17.91
C ALA C 472 17.77 -43.28 16.70
N SER C 473 16.98 -42.21 16.75
CA SER C 473 16.69 -41.44 15.54
C SER C 473 16.84 -39.93 15.69
N LEU C 474 16.77 -39.38 16.90
CA LEU C 474 16.82 -37.93 17.07
C LEU C 474 18.14 -37.37 16.57
N GLU C 475 18.09 -36.22 15.91
CA GLU C 475 19.27 -35.59 15.34
C GLU C 475 19.55 -34.21 15.88
N VAL C 476 18.52 -33.41 16.15
CA VAL C 476 18.69 -32.06 16.65
C VAL C 476 17.78 -31.90 17.87
N LEU C 477 18.28 -31.21 18.89
CA LEU C 477 17.51 -30.94 20.10
C LEU C 477 17.88 -29.56 20.61
N ALA C 478 16.87 -28.76 20.92
CA ALA C 478 17.07 -27.41 21.41
C ALA C 478 16.28 -27.22 22.69
N LEU C 479 16.93 -26.67 23.71
CA LEU C 479 16.29 -26.43 25.01
C LEU C 479 16.62 -25.03 25.53
N GLN C 480 16.93 -24.11 24.64
CA GLN C 480 17.40 -22.80 25.05
C GLN C 480 16.34 -22.03 25.82
N GLY C 481 16.78 -21.30 26.84
CA GLY C 481 15.92 -20.37 27.53
C GLY C 481 15.01 -20.98 28.57
N ASN C 482 15.07 -22.28 28.80
CA ASN C 482 14.21 -22.91 29.78
C ASN C 482 14.62 -22.56 31.21
N GLY C 483 15.92 -22.54 31.49
CA GLY C 483 16.41 -22.16 32.80
C GLY C 483 16.50 -23.27 33.82
N LEU C 484 16.54 -24.52 33.39
CA LEU C 484 16.50 -25.65 34.31
C LEU C 484 17.84 -25.84 35.01
N MET C 485 17.79 -26.17 36.30
CA MET C 485 18.99 -26.38 37.12
C MET C 485 19.89 -27.48 36.58
N VAL C 486 19.36 -28.67 36.36
CA VAL C 486 20.14 -29.85 36.04
C VAL C 486 19.38 -30.66 35.01
N LEU C 487 20.10 -31.24 34.06
CA LEU C 487 19.48 -31.93 32.93
C LEU C 487 19.46 -33.42 33.22
N GLN C 488 18.26 -33.99 33.27
CA GLN C 488 18.12 -35.39 33.65
C GLN C 488 18.36 -36.35 32.51
N VAL C 489 18.18 -35.92 31.26
CA VAL C 489 18.33 -36.83 30.14
C VAL C 489 19.79 -37.26 30.01
N ASP C 490 19.99 -38.52 29.63
CA ASP C 490 21.33 -39.10 29.50
C ASP C 490 21.78 -38.91 28.06
N LEU C 491 22.51 -37.83 27.82
CA LEU C 491 22.92 -37.50 26.47
C LEU C 491 23.79 -38.56 25.80
N PRO C 492 24.82 -39.12 26.44
CA PRO C 492 25.73 -40.01 25.71
C PRO C 492 25.07 -41.22 25.06
N CYS C 493 23.84 -41.55 25.43
CA CYS C 493 23.15 -42.64 24.75
C CYS C 493 22.61 -42.21 23.39
N PHE C 494 22.49 -40.91 23.14
CA PHE C 494 21.96 -40.41 21.89
C PHE C 494 23.03 -40.56 20.82
N ILE C 495 22.94 -41.65 20.05
CA ILE C 495 23.97 -41.97 19.08
C ILE C 495 23.95 -41.01 17.89
N CYS C 496 22.76 -40.69 17.38
CA CYS C 496 22.64 -39.92 16.15
C CYS C 496 22.63 -38.41 16.37
N LEU C 497 22.55 -37.95 17.62
CA LEU C 497 22.45 -36.53 17.90
C LEU C 497 23.64 -35.79 17.30
N LYS C 498 23.36 -34.76 16.50
CA LYS C 498 24.42 -33.99 15.86
C LYS C 498 24.55 -32.59 16.40
N ARG C 499 23.46 -31.85 16.53
CA ARG C 499 23.50 -30.50 17.06
C ARG C 499 22.72 -30.45 18.36
N LEU C 500 23.22 -29.70 19.33
CA LEU C 500 22.58 -29.56 20.63
C LEU C 500 22.72 -28.11 21.08
N ASN C 501 21.66 -27.59 21.69
CA ASN C 501 21.61 -26.20 22.10
C ASN C 501 21.11 -26.12 23.53
N LEU C 502 21.91 -25.53 24.41
CA LEU C 502 21.57 -25.45 25.83
C LEU C 502 21.72 -24.04 26.37
N ALA C 503 21.68 -23.04 25.51
CA ALA C 503 21.97 -21.68 25.94
C ALA C 503 20.97 -21.21 26.98
N GLU C 504 21.40 -20.26 27.80
CA GLU C 504 20.54 -19.55 28.74
C GLU C 504 19.67 -20.49 29.58
N ASN C 505 20.31 -21.55 30.10
CA ASN C 505 19.63 -22.45 31.02
C ASN C 505 20.18 -22.42 32.43
N ARG C 506 21.30 -21.75 32.68
CA ARG C 506 21.88 -21.68 34.03
C ARG C 506 22.25 -23.06 34.56
N LEU C 507 22.83 -23.90 33.71
CA LEU C 507 23.42 -25.15 34.16
C LEU C 507 24.80 -24.90 34.78
N SER C 508 25.28 -25.88 35.54
CA SER C 508 26.63 -25.80 36.07
C SER C 508 27.44 -27.07 35.92
N HIS C 509 26.81 -28.23 35.75
CA HIS C 509 27.51 -29.51 35.65
C HIS C 509 26.83 -30.34 34.58
N LEU C 510 27.60 -31.17 33.89
CA LEU C 510 27.06 -31.89 32.75
C LEU C 510 27.50 -33.34 32.77
N PRO C 511 26.61 -34.29 32.43
CA PRO C 511 27.00 -35.71 32.37
C PRO C 511 28.21 -35.99 31.48
N ALA C 512 28.75 -37.20 31.58
CA ALA C 512 30.06 -37.52 31.03
C ALA C 512 29.93 -38.39 29.78
N TRP C 513 30.62 -37.99 28.72
CA TRP C 513 30.75 -38.82 27.52
C TRP C 513 31.98 -39.71 27.65
N THR C 514 31.82 -40.97 27.22
CA THR C 514 32.92 -41.93 27.35
C THR C 514 33.05 -42.80 26.10
N GLN C 515 32.76 -42.25 24.93
CA GLN C 515 32.85 -43.00 23.69
C GLN C 515 32.92 -42.01 22.53
N ALA C 516 32.80 -42.53 21.31
CA ALA C 516 32.84 -41.70 20.11
C ALA C 516 31.40 -41.47 19.63
N VAL C 517 30.77 -40.46 20.24
CA VAL C 517 29.42 -40.07 19.86
C VAL C 517 29.47 -39.25 18.57
N SER C 518 28.32 -39.00 17.96
CA SER C 518 28.25 -38.32 16.68
C SER C 518 28.09 -36.81 16.80
N LEU C 519 28.11 -36.27 18.01
CA LEU C 519 27.84 -34.85 18.21
C LEU C 519 28.87 -34.01 17.47
N GLU C 520 28.40 -32.90 16.89
CA GLU C 520 29.27 -32.03 16.12
C GLU C 520 29.19 -30.56 16.50
N VAL C 521 28.12 -30.10 17.13
CA VAL C 521 27.99 -28.72 17.55
C VAL C 521 27.44 -28.71 18.96
N LEU C 522 27.94 -27.83 19.80
CA LEU C 522 27.49 -27.75 21.19
C LEU C 522 27.47 -26.29 21.60
N ASP C 523 26.39 -25.85 22.21
CA ASP C 523 26.23 -24.46 22.62
C ASP C 523 25.92 -24.42 24.12
N LEU C 524 26.68 -23.61 24.86
CA LEU C 524 26.53 -23.50 26.30
C LEU C 524 26.58 -22.04 26.75
N ARG C 525 26.33 -21.11 25.85
CA ARG C 525 26.47 -19.70 26.16
C ARG C 525 25.56 -19.30 27.31
N ASN C 526 26.02 -18.33 28.11
CA ASN C 526 25.25 -17.76 29.20
C ASN C 526 24.77 -18.82 30.19
N ASN C 527 25.52 -19.90 30.35
CA ASN C 527 25.26 -20.82 31.45
C ASN C 527 26.14 -20.45 32.64
N SER C 528 26.19 -21.31 33.64
CA SER C 528 26.97 -21.08 34.85
C SER C 528 28.13 -22.04 34.97
N PHE C 529 28.75 -22.37 33.84
CA PHE C 529 29.89 -23.29 33.84
C PHE C 529 31.14 -22.54 34.29
N SER C 530 31.77 -23.02 35.36
CA SER C 530 33.01 -22.46 35.86
C SER C 530 34.22 -23.31 35.49
N LEU C 531 34.12 -24.62 35.65
CA LEU C 531 35.20 -25.56 35.38
C LEU C 531 34.69 -26.65 34.45
N LEU C 532 35.51 -27.01 33.47
CA LEU C 532 35.13 -28.03 32.47
C LEU C 532 36.15 -29.16 32.52
N PRO C 533 35.91 -30.17 33.36
CA PRO C 533 36.86 -31.28 33.45
C PRO C 533 36.95 -32.04 32.14
N GLY C 534 38.15 -32.52 31.83
CA GLY C 534 38.36 -33.28 30.62
C GLY C 534 37.88 -34.71 30.70
N SER C 535 37.57 -35.19 31.91
CA SER C 535 37.05 -36.54 32.05
C SER C 535 35.65 -36.65 31.46
N ALA C 536 34.76 -35.73 31.82
CA ALA C 536 33.38 -35.81 31.35
C ALA C 536 33.25 -35.43 29.88
N MET C 537 34.18 -34.61 29.37
CA MET C 537 34.12 -34.13 28.00
C MET C 537 35.11 -34.83 27.09
N GLY C 538 35.55 -36.02 27.46
CA GLY C 538 36.34 -36.83 26.56
C GLY C 538 35.48 -37.63 25.62
N GLY C 539 36.04 -37.98 24.48
CA GLY C 539 35.32 -38.74 23.48
C GLY C 539 34.56 -37.88 22.50
N LEU C 540 34.21 -36.67 22.92
CA LEU C 540 33.59 -35.72 21.99
C LEU C 540 34.61 -35.16 21.01
N GLU C 541 35.90 -35.14 21.39
CA GLU C 541 36.92 -34.58 20.52
C GLU C 541 37.06 -35.37 19.23
N THR C 542 36.64 -36.63 19.21
CA THR C 542 36.69 -37.42 17.99
C THR C 542 35.82 -36.84 16.88
N SER C 543 34.73 -36.17 17.23
CA SER C 543 33.78 -35.69 16.23
C SER C 543 33.39 -34.23 16.37
N LEU C 544 33.70 -33.56 17.48
CA LEU C 544 33.27 -32.19 17.67
C LEU C 544 33.89 -31.28 16.63
N ARG C 545 33.13 -30.28 16.20
CA ARG C 545 33.57 -29.35 15.16
C ARG C 545 33.65 -27.92 15.65
N ARG C 546 32.56 -27.40 16.22
CA ARG C 546 32.52 -26.03 16.72
C ARG C 546 31.90 -26.04 18.10
N LEU C 547 31.99 -24.91 18.80
CA LEU C 547 31.61 -24.88 20.20
C LEU C 547 31.66 -23.45 20.73
N TYR C 548 30.82 -23.17 21.72
CA TYR C 548 30.61 -21.82 22.24
C TYR C 548 30.63 -21.83 23.77
N LEU C 549 31.32 -20.84 24.36
CA LEU C 549 31.25 -20.64 25.81
C LEU C 549 31.02 -19.21 26.27
N GLN C 550 31.06 -18.21 25.39
CA GLN C 550 31.07 -16.82 25.82
C GLN C 550 29.87 -16.51 26.71
N GLY C 551 30.14 -15.81 27.81
CA GLY C 551 29.13 -15.49 28.78
C GLY C 551 29.19 -16.32 30.05
N ASN C 552 29.93 -17.42 30.05
CA ASN C 552 30.06 -18.25 31.22
C ASN C 552 31.12 -17.69 32.17
N PRO C 553 31.03 -18.00 33.46
CA PRO C 553 32.05 -17.58 34.43
C PRO C 553 33.22 -18.55 34.52
N LEU C 554 34.03 -18.59 33.47
CA LEU C 554 35.17 -19.50 33.46
C LEU C 554 36.16 -19.14 34.56
N SER C 555 36.77 -20.17 35.14
CA SER C 555 37.73 -19.98 36.22
C SER C 555 39.15 -20.15 35.72
N CYS C 556 40.05 -19.31 36.25
CA CYS C 556 41.46 -19.39 35.86
C CYS C 556 42.11 -20.68 36.34
N CYS C 557 41.66 -21.20 37.48
CA CYS C 557 42.20 -22.45 38.00
C CYS C 557 41.79 -23.62 37.12
N GLY C 558 42.73 -24.53 36.88
CA GLY C 558 42.44 -25.72 36.09
C GLY C 558 42.11 -25.38 34.65
N ASN C 559 41.09 -26.05 34.11
CA ASN C 559 40.61 -25.84 32.74
C ASN C 559 41.70 -26.07 31.71
N GLY C 560 42.57 -27.05 31.95
CA GLY C 560 43.60 -27.37 30.97
C GLY C 560 43.03 -27.94 29.68
N TRP C 561 41.95 -28.73 29.79
CA TRP C 561 41.33 -29.29 28.60
C TRP C 561 40.74 -28.20 27.72
N LEU C 562 40.12 -27.18 28.32
CA LEU C 562 39.59 -26.08 27.52
C LEU C 562 40.72 -25.32 26.84
N ALA C 563 41.86 -25.14 27.52
CA ALA C 563 43.00 -24.50 26.90
C ALA C 563 43.53 -25.33 25.72
N ALA C 564 43.59 -26.65 25.89
CA ALA C 564 44.02 -27.51 24.80
C ALA C 564 43.08 -27.40 23.61
N GLN C 565 41.77 -27.36 23.86
CA GLN C 565 40.81 -27.22 22.77
C GLN C 565 40.98 -25.88 22.07
N LEU C 566 41.14 -24.80 22.84
CA LEU C 566 41.39 -23.49 22.25
C LEU C 566 42.65 -23.51 21.39
N HIS C 567 43.66 -24.28 21.80
CA HIS C 567 44.84 -24.46 20.98
C HIS C 567 44.52 -25.25 19.72
N GLN C 568 43.64 -26.24 19.81
CA GLN C 568 43.35 -27.11 18.69
C GLN C 568 42.50 -26.39 17.65
N GLY C 569 42.08 -27.12 16.62
CA GLY C 569 41.36 -26.55 15.52
C GLY C 569 39.88 -26.32 15.74
N ARG C 570 39.33 -26.74 16.88
CA ARG C 570 37.91 -26.54 17.13
C ARG C 570 37.60 -25.05 17.25
N VAL C 571 36.53 -24.62 16.60
CA VAL C 571 36.17 -23.21 16.57
C VAL C 571 35.86 -22.74 17.98
N ASP C 572 36.46 -21.62 18.37
CA ASP C 572 36.26 -21.01 19.69
C ASP C 572 36.57 -21.98 20.83
#